data_8HGP
#
_entry.id   8HGP
#
_cell.length_a   1.00
_cell.length_b   1.00
_cell.length_c   1.00
_cell.angle_alpha   90.00
_cell.angle_beta   90.00
_cell.angle_gamma   90.00
#
_symmetry.space_group_name_H-M   'P 1'
#
loop_
_entity.id
_entity.type
_entity.pdbx_description
1 polymer 'Receptor tyrosine-protein kinase erbB-2'
2 polymer 'Epidermal growth factor receptor'
3 polymer Proepiregulin
4 branched alpha-D-mannopyranose-(1-3)-beta-D-mannopyranose-(1-3)-2-acetamido-2-deoxy-beta-D-glucopyranose-(1-4)-2-acetamido-2-deoxy-beta-D-glucopyranose
5 branched 2-acetamido-2-deoxy-beta-D-glucopyranose-(1-4)-2-acetamido-2-deoxy-beta-D-glucopyranose
6 non-polymer 2-acetamido-2-deoxy-beta-D-glucopyranose
#
loop_
_entity_poly.entity_id
_entity_poly.type
_entity_poly.pdbx_seq_one_letter_code
_entity_poly.pdbx_strand_id
1 'polypeptide(L)'
;MELAALCRWGLLLALLPPGAASTQVCTGTDMKLRLPASPETHLDMLRHLYQGCQVVQGNLELTYLPTNASLSFLQDIQEV
QGYVLIAHNQVRQVPLQRLRIVRGTQLFEDNYALAVLDNGDPLNNTTPVTGASPGGLRELQLRSLTEILKGGVLIQRNPQ
LCYQDTILWKDIFHKNNQLALTLIDTNRSRACHPCSPMCKGSRCWGESSEDCQSLTRTVCAGGCARCKGPLPTDCCHEQC
AAGCTGPKHSDCLACLHFNHSGICELHCPALVTYNTDTFESMPNPEGRYTFGASCVTACPYNYLSTDVGSCTLVCPLHNQ
EVTAEDGTQRCEKCSKPCARVCYGLGMEHLREVRAVTSANIQEFAGCKKIFGSLAFLPESFDGDPASNTAPLQPEQLQVF
ETLEEITGYLYISAWPDSLPDLSVFQNLQVIRGRILHNGAYSLTLQGLGISWLGLRSLRELGSGLALIHHNTHLCFVHTV
PWDQLFRNPHQALLHTANRPEDECVGEGLACHQLCARGHCWGPGPTQCVNCSQFLRGQECVEECRVLQGLPREYVNARHC
LPCHPECQPQNGSVTCFGPEADQCVACAHYKDPPFCVARCPSGVKPDLSYMPIWKFPDEEGACQPCPINCTHSCVDLDDK
GCPAEQRASPLTSIISAVVGILLVVVLGVVFGILIKRRQQKIRKYTMRRLLQEGGSENLYFQGGGSAQLEKELQALEKEN
AQLEWELQALEKELAQSNSLEVLFQ
;
B
2 'polypeptide(L)'
;MRPSGTAGAALLALLAALCPASRALEEKKVCQGTSNKLTQLGTFEDHFLSLQRMFNNCEVVLGNLEITYVQRNYDLSFLK
TIQEVAGYVLIALNTVERIPLENLQIIRGNMYYENSYALAVLSNYDANKTGLKELPMRNLQEILHGAVRFSNNPALCNVE
SIQWRDIVSSDFLSNMSMDFQNHLGSCQKCDPSCPNGSCWGAGEENCQKLTKIICAQQCSGRCRGKSPSDCCHNQCAAGC
TGPRESDCLVCRKFRDEATCKDTCPPLMLYNPTTYQMDVNPEGKYSFGATCVKKCPRNYVVTDHGSCVRACGADSYEMEE
DGVRKCKKCEGPCRKVCNGIGIGEFKDSLSINATNIKHFKNCTSISGDLHILPVAFRGDSFTHTPPLDPQELDILKTVKE
ITGFLLIQAWPENRTDLHAFENLEIIRGRTKQHGQFSLAVVSLNITSLGLRSLKEISDGDVIISGNKNLCYANTINWKKL
FGTSGQKTKIISNRGENSCKATGQVCHALCSPEGCWGPEPRDCVSCRNVSRGRECVDKCNLLEGEPREFVENSECIQCHP
ECLPQAMNITCTGRGPDNCIQCAHYIDGPHCVKTCPAGVMGENNTLVWKYADAGHVCHLCHPNCTYGCTGPGLEGCPTNG
PKIPSIATGMVGALLLLLVVALGIGLFMRRRHIVRKRTLRRLLGGSENLYFQGGGSAAQLKKKLQALKKKNAQLKWKLQA
LKKKLAQSNSLEVLFQ
;
A
3 'polypeptide(L)' VAQVSITKCSSDMNGYCLHGQCIYLVDMSQNYCRCEVGYTGVRCEHFFL C
#
# COMPACT_ATOMS: atom_id res chain seq x y z
N GLN A 24 -12.04 -16.23 -17.91
CA GLN A 24 -13.37 -15.68 -18.13
C GLN A 24 -13.31 -14.16 -18.28
N VAL A 25 -12.11 -13.61 -18.32
CA VAL A 25 -11.90 -12.18 -18.39
C VAL A 25 -11.67 -11.81 -19.86
N CYS A 26 -12.66 -11.14 -20.46
CA CYS A 26 -12.57 -10.65 -21.82
C CYS A 26 -12.66 -9.12 -21.82
N THR A 27 -11.85 -8.50 -22.66
CA THR A 27 -11.60 -7.06 -22.59
C THR A 27 -12.60 -6.23 -23.38
N GLY A 28 -13.43 -6.83 -24.22
CA GLY A 28 -14.43 -6.08 -24.94
C GLY A 28 -13.92 -5.28 -26.13
N THR A 29 -14.77 -5.09 -27.13
CA THR A 29 -14.36 -4.40 -28.35
C THR A 29 -14.49 -2.88 -28.18
N ASP A 30 -14.01 -2.14 -29.18
CA ASP A 30 -14.03 -0.68 -29.15
C ASP A 30 -14.50 -0.16 -30.51
N MET A 31 -15.60 -0.71 -31.01
CA MET A 31 -16.16 -0.31 -32.30
C MET A 31 -17.32 0.64 -32.05
N LYS A 32 -17.07 1.95 -32.18
CA LYS A 32 -18.09 2.95 -31.98
C LYS A 32 -19.19 2.88 -33.03
N LEU A 33 -18.86 3.19 -34.28
CA LEU A 33 -19.83 3.13 -35.38
C LEU A 33 -19.24 2.61 -36.69
N ARG A 34 -17.97 2.21 -36.71
CA ARG A 34 -17.32 1.87 -37.96
C ARG A 34 -17.69 0.46 -38.42
N LEU A 35 -17.44 0.21 -39.70
CA LEU A 35 -17.71 -1.09 -40.28
C LEU A 35 -16.70 -2.12 -39.78
N PRO A 36 -17.09 -3.40 -39.71
CA PRO A 36 -16.12 -4.44 -39.37
C PRO A 36 -15.08 -4.62 -40.46
N ALA A 37 -13.88 -5.01 -40.04
CA ALA A 37 -12.80 -5.25 -40.99
C ALA A 37 -13.07 -6.49 -41.83
N SER A 38 -13.58 -7.55 -41.21
CA SER A 38 -13.98 -8.77 -41.92
C SER A 38 -15.39 -9.13 -41.49
N PRO A 39 -16.40 -8.85 -42.33
CA PRO A 39 -17.79 -9.18 -41.95
C PRO A 39 -18.06 -10.68 -41.91
N GLU A 40 -17.26 -11.50 -42.59
CA GLU A 40 -17.47 -12.94 -42.56
C GLU A 40 -17.03 -13.56 -41.24
N THR A 41 -16.03 -12.97 -40.58
CA THR A 41 -15.54 -13.49 -39.31
C THR A 41 -15.78 -12.53 -38.15
N HIS A 42 -16.70 -11.58 -38.32
CA HIS A 42 -17.04 -10.68 -37.22
C HIS A 42 -17.89 -11.40 -36.17
N LEU A 43 -18.91 -12.13 -36.62
CA LEU A 43 -19.67 -12.99 -35.72
C LEU A 43 -18.80 -14.09 -35.14
N ASP A 44 -17.83 -14.58 -35.91
CA ASP A 44 -16.87 -15.54 -35.40
C ASP A 44 -15.97 -14.91 -34.34
N MET A 45 -15.63 -13.63 -34.52
CA MET A 45 -14.85 -12.90 -33.51
C MET A 45 -15.65 -12.74 -32.22
N LEU A 46 -16.94 -12.41 -32.35
CA LEU A 46 -17.80 -12.31 -31.17
C LEU A 46 -17.99 -13.66 -30.50
N ARG A 47 -18.00 -14.74 -31.28
CA ARG A 47 -18.11 -16.08 -30.70
C ARG A 47 -16.83 -16.48 -29.97
N HIS A 48 -15.66 -16.11 -30.50
CA HIS A 48 -14.41 -16.43 -29.81
C HIS A 48 -14.20 -15.57 -28.57
N LEU A 49 -14.61 -14.30 -28.59
CA LEU A 49 -14.27 -13.40 -27.50
C LEU A 49 -15.35 -13.27 -26.43
N TYR A 50 -16.63 -13.41 -26.78
CA TYR A 50 -17.70 -13.16 -25.83
C TYR A 50 -18.38 -14.43 -25.34
N GLN A 51 -17.76 -15.58 -25.51
CA GLN A 51 -18.30 -16.84 -24.98
C GLN A 51 -17.57 -17.19 -23.69
N GLY A 52 -18.35 -17.54 -22.66
CA GLY A 52 -17.79 -17.86 -21.37
C GLY A 52 -17.53 -16.69 -20.45
N CYS A 53 -17.76 -15.46 -20.92
CA CYS A 53 -17.54 -14.29 -20.11
C CYS A 53 -18.67 -14.11 -19.10
N GLN A 54 -18.31 -13.71 -17.89
CA GLN A 54 -19.28 -13.40 -16.84
C GLN A 54 -19.20 -11.96 -16.37
N VAL A 55 -17.99 -11.43 -16.23
CA VAL A 55 -17.77 -10.03 -15.87
C VAL A 55 -17.00 -9.39 -17.03
N VAL A 56 -17.68 -8.60 -17.83
CA VAL A 56 -17.05 -7.96 -18.99
C VAL A 56 -16.32 -6.71 -18.51
N GLN A 57 -15.00 -6.70 -18.69
CA GLN A 57 -14.21 -5.55 -18.27
C GLN A 57 -14.38 -4.36 -19.20
N GLY A 58 -14.78 -4.60 -20.45
CA GLY A 58 -14.90 -3.53 -21.42
C GLY A 58 -16.33 -3.24 -21.84
N ASN A 59 -16.58 -3.28 -23.15
CA ASN A 59 -17.85 -2.85 -23.72
C ASN A 59 -18.51 -4.02 -24.44
N LEU A 60 -19.79 -4.24 -24.14
CA LEU A 60 -20.58 -5.27 -24.82
C LEU A 60 -21.15 -4.64 -26.09
N GLU A 61 -20.39 -4.75 -27.18
CA GLU A 61 -20.74 -4.13 -28.46
C GLU A 61 -21.06 -5.21 -29.47
N LEU A 62 -22.23 -5.09 -30.11
CA LEU A 62 -22.69 -6.03 -31.13
C LEU A 62 -23.06 -5.20 -32.36
N THR A 63 -22.13 -5.06 -33.29
CA THR A 63 -22.31 -4.20 -34.46
C THR A 63 -22.33 -5.04 -35.73
N TYR A 64 -23.30 -4.77 -36.59
CA TYR A 64 -23.40 -5.28 -37.97
C TYR A 64 -23.47 -6.82 -38.00
N LEU A 65 -24.54 -7.35 -37.39
CA LEU A 65 -24.80 -8.78 -37.41
C LEU A 65 -26.01 -9.07 -38.28
N PRO A 66 -25.87 -9.80 -39.38
CA PRO A 66 -27.04 -10.11 -40.22
C PRO A 66 -27.88 -11.25 -39.65
N THR A 67 -28.89 -11.68 -40.42
CA THR A 67 -29.76 -12.76 -39.98
C THR A 67 -29.02 -14.10 -40.02
N ASN A 68 -29.69 -15.11 -39.44
CA ASN A 68 -29.15 -16.46 -39.21
C ASN A 68 -27.82 -16.40 -38.45
N ALA A 69 -27.90 -15.81 -37.26
CA ALA A 69 -26.75 -15.63 -36.39
C ALA A 69 -26.97 -16.39 -35.10
N SER A 70 -26.15 -17.41 -34.85
CA SER A 70 -26.22 -18.20 -33.63
C SER A 70 -25.62 -17.37 -32.49
N LEU A 71 -26.49 -16.75 -31.70
CA LEU A 71 -26.07 -15.87 -30.60
C LEU A 71 -26.14 -16.59 -29.26
N SER A 72 -25.83 -17.88 -29.23
CA SER A 72 -25.90 -18.69 -28.01
C SER A 72 -24.76 -18.41 -27.03
N PHE A 73 -23.78 -17.59 -27.40
CA PHE A 73 -22.68 -17.25 -26.52
C PHE A 73 -23.03 -16.16 -25.51
N LEU A 74 -24.23 -15.57 -25.61
CA LEU A 74 -24.67 -14.51 -24.72
C LEU A 74 -25.50 -15.03 -23.56
N GLN A 75 -25.34 -16.30 -23.19
CA GLN A 75 -26.19 -16.93 -22.20
C GLN A 75 -25.61 -16.89 -20.78
N ASP A 76 -24.43 -16.31 -20.59
CA ASP A 76 -23.84 -16.26 -19.26
C ASP A 76 -23.17 -14.92 -18.93
N ILE A 77 -23.32 -13.90 -19.79
CA ILE A 77 -22.77 -12.58 -19.49
C ILE A 77 -23.73 -11.86 -18.55
N GLN A 78 -23.24 -11.51 -17.37
CA GLN A 78 -24.04 -10.85 -16.34
C GLN A 78 -23.62 -9.42 -16.06
N GLU A 79 -22.33 -9.16 -15.91
CA GLU A 79 -21.82 -7.85 -15.54
C GLU A 79 -21.05 -7.25 -16.72
N VAL A 80 -21.46 -6.05 -17.12
CA VAL A 80 -20.77 -5.28 -18.16
C VAL A 80 -20.33 -3.97 -17.52
N GLN A 81 -19.02 -3.77 -17.42
CA GLN A 81 -18.50 -2.58 -16.75
C GLN A 81 -18.60 -1.32 -17.60
N GLY A 82 -18.69 -1.47 -18.92
CA GLY A 82 -18.82 -0.35 -19.82
C GLY A 82 -20.24 -0.15 -20.32
N TYR A 83 -20.35 0.39 -21.53
CA TYR A 83 -21.64 0.63 -22.16
C TYR A 83 -22.00 -0.51 -23.09
N VAL A 84 -23.29 -0.83 -23.15
CA VAL A 84 -23.81 -1.88 -24.02
C VAL A 84 -24.35 -1.20 -25.27
N LEU A 85 -23.82 -1.59 -26.43
CA LEU A 85 -24.18 -0.98 -27.71
C LEU A 85 -24.63 -2.06 -28.68
N ILE A 86 -25.92 -2.09 -28.98
CA ILE A 86 -26.48 -3.00 -29.98
C ILE A 86 -26.93 -2.12 -31.14
N ALA A 87 -26.11 -2.10 -32.21
CA ALA A 87 -26.33 -1.18 -33.32
C ALA A 87 -26.17 -1.90 -34.64
N HIS A 88 -27.01 -1.52 -35.62
CA HIS A 88 -26.90 -1.90 -37.03
C HIS A 88 -27.01 -3.42 -37.23
N ASN A 89 -27.71 -4.11 -36.35
CA ASN A 89 -27.81 -5.56 -36.42
C ASN A 89 -29.14 -5.97 -37.05
N GLN A 90 -29.07 -6.95 -37.95
CA GLN A 90 -30.25 -7.48 -38.63
C GLN A 90 -30.72 -8.79 -38.01
N VAL A 91 -30.31 -9.08 -36.78
CA VAL A 91 -30.75 -10.30 -36.11
C VAL A 91 -32.20 -10.16 -35.66
N ARG A 92 -32.82 -11.31 -35.35
CA ARG A 92 -34.20 -11.29 -34.87
C ARG A 92 -34.26 -10.83 -33.41
N GLN A 93 -33.33 -11.30 -32.58
CA GLN A 93 -33.30 -10.93 -31.17
C GLN A 93 -31.88 -11.07 -30.66
N VAL A 94 -31.59 -10.34 -29.59
CA VAL A 94 -30.32 -10.43 -28.88
C VAL A 94 -30.59 -11.02 -27.51
N PRO A 95 -30.18 -12.26 -27.23
CA PRO A 95 -30.48 -12.91 -25.94
C PRO A 95 -29.63 -12.42 -24.78
N LEU A 96 -30.07 -11.31 -24.17
CA LEU A 96 -29.45 -10.75 -22.98
C LEU A 96 -30.36 -10.89 -21.76
N GLN A 97 -30.98 -12.06 -21.63
CA GLN A 97 -31.85 -12.32 -20.49
C GLN A 97 -31.04 -12.48 -19.20
N ARG A 98 -29.80 -12.93 -19.30
CA ARG A 98 -28.93 -13.10 -18.14
C ARG A 98 -28.10 -11.86 -17.85
N LEU A 99 -28.34 -10.75 -18.55
CA LEU A 99 -27.66 -9.51 -18.26
C LEU A 99 -28.16 -8.94 -16.95
N ARG A 100 -27.25 -8.75 -15.99
CA ARG A 100 -27.62 -8.39 -14.63
C ARG A 100 -27.45 -6.90 -14.35
N ILE A 101 -26.28 -6.33 -14.67
CA ILE A 101 -25.98 -4.95 -14.35
C ILE A 101 -25.12 -4.35 -15.47
N VAL A 102 -25.35 -3.07 -15.74
CA VAL A 102 -24.52 -2.30 -16.67
C VAL A 102 -23.94 -1.13 -15.88
N ARG A 103 -22.64 -1.20 -15.60
CA ARG A 103 -22.01 -0.17 -14.77
C ARG A 103 -21.76 1.10 -15.56
N GLY A 104 -21.12 0.99 -16.72
CA GLY A 104 -20.87 2.15 -17.56
C GLY A 104 -19.73 3.01 -17.08
N THR A 105 -18.54 2.43 -16.93
CA THR A 105 -17.36 3.23 -16.62
C THR A 105 -16.96 4.08 -17.81
N GLN A 106 -17.15 3.57 -19.02
CA GLN A 106 -17.00 4.33 -20.25
C GLN A 106 -18.36 4.42 -20.93
N LEU A 107 -18.59 5.53 -21.62
CA LEU A 107 -19.86 5.79 -22.28
C LEU A 107 -19.65 6.08 -23.76
N PHE A 108 -20.61 5.67 -24.58
CA PHE A 108 -20.57 5.89 -26.02
C PHE A 108 -20.61 7.37 -26.36
N GLU A 109 -21.75 8.02 -26.07
CA GLU A 109 -21.84 9.47 -26.13
C GLU A 109 -21.59 10.03 -24.72
N ASP A 110 -21.94 11.29 -24.50
CA ASP A 110 -21.61 11.95 -23.23
C ASP A 110 -22.45 11.42 -22.07
N ASN A 111 -23.73 11.15 -22.31
CA ASN A 111 -24.65 10.74 -21.24
C ASN A 111 -25.53 9.59 -21.71
N TYR A 112 -24.92 8.58 -22.33
CA TYR A 112 -25.67 7.44 -22.84
C TYR A 112 -24.92 6.14 -22.56
N ALA A 113 -25.64 5.14 -22.05
CA ALA A 113 -25.06 3.86 -21.69
C ALA A 113 -25.68 2.69 -22.43
N LEU A 114 -27.00 2.64 -22.57
CA LEU A 114 -27.68 1.54 -23.27
C LEU A 114 -28.30 2.12 -24.53
N ALA A 115 -27.54 2.09 -25.62
CA ALA A 115 -27.94 2.69 -26.89
C ALA A 115 -28.27 1.59 -27.89
N VAL A 116 -29.50 1.62 -28.40
CA VAL A 116 -29.95 0.69 -29.43
C VAL A 116 -30.36 1.52 -30.64
N LEU A 117 -29.56 1.44 -31.71
CA LEU A 117 -29.71 2.34 -32.85
C LEU A 117 -29.70 1.55 -34.16
N ASP A 118 -30.60 1.95 -35.07
CA ASP A 118 -30.58 1.57 -36.49
C ASP A 118 -30.72 0.07 -36.70
N ASN A 119 -31.46 -0.62 -35.83
CA ASN A 119 -31.65 -2.07 -35.96
C ASN A 119 -32.99 -2.31 -36.63
N GLY A 120 -33.00 -2.20 -37.95
CA GLY A 120 -34.20 -2.41 -38.74
C GLY A 120 -34.10 -1.83 -40.14
N PRO A 134 -38.94 -10.70 -41.95
CA PRO A 134 -38.03 -9.54 -41.87
C PRO A 134 -37.14 -9.58 -40.64
N GLY A 135 -36.09 -8.76 -40.65
CA GLY A 135 -35.16 -8.69 -39.54
C GLY A 135 -35.56 -7.68 -38.49
N GLY A 136 -34.56 -7.13 -37.81
CA GLY A 136 -34.79 -6.16 -36.77
C GLY A 136 -35.06 -6.80 -35.42
N LEU A 137 -34.80 -6.02 -34.36
CA LEU A 137 -34.97 -6.51 -33.00
C LEU A 137 -36.45 -6.54 -32.66
N ARG A 138 -37.00 -7.74 -32.42
CA ARG A 138 -38.40 -7.88 -32.08
C ARG A 138 -38.66 -7.44 -30.64
N GLU A 139 -38.03 -8.11 -29.68
CA GLU A 139 -38.11 -7.73 -28.27
C GLU A 139 -36.71 -7.71 -27.67
N LEU A 140 -36.51 -6.81 -26.71
CA LEU A 140 -35.23 -6.73 -26.03
C LEU A 140 -35.04 -7.87 -25.04
N GLN A 141 -36.10 -8.21 -24.29
CA GLN A 141 -36.14 -9.33 -23.34
C GLN A 141 -35.08 -9.19 -22.25
N LEU A 142 -34.94 -7.97 -21.73
CA LEU A 142 -33.99 -7.69 -20.64
C LEU A 142 -34.65 -8.07 -19.33
N ARG A 143 -34.45 -9.32 -18.92
CA ARG A 143 -35.15 -9.85 -17.75
C ARG A 143 -34.50 -9.37 -16.45
N SER A 144 -33.24 -9.74 -16.23
CA SER A 144 -32.57 -9.47 -14.96
C SER A 144 -31.86 -8.13 -14.91
N LEU A 145 -31.94 -7.33 -15.98
CA LEU A 145 -31.30 -6.02 -16.00
C LEU A 145 -32.16 -5.03 -15.24
N THR A 146 -31.67 -4.56 -14.09
CA THR A 146 -32.43 -3.63 -13.26
C THR A 146 -31.58 -2.51 -12.68
N GLU A 147 -30.34 -2.36 -13.11
CA GLU A 147 -29.47 -1.32 -12.54
C GLU A 147 -28.52 -0.80 -13.62
N ILE A 148 -28.62 0.49 -13.92
CA ILE A 148 -27.66 1.20 -14.75
C ILE A 148 -27.11 2.35 -13.92
N LEU A 149 -25.79 2.34 -13.70
CA LEU A 149 -25.19 3.28 -12.77
C LEU A 149 -25.03 4.66 -13.39
N LYS A 150 -24.24 4.77 -14.46
CA LYS A 150 -23.95 6.04 -15.10
C LYS A 150 -24.28 5.95 -16.57
N GLY A 151 -25.08 6.90 -17.06
CA GLY A 151 -25.44 6.98 -18.46
C GLY A 151 -26.93 7.01 -18.66
N GLY A 152 -27.32 7.03 -19.92
CA GLY A 152 -28.73 7.05 -20.30
C GLY A 152 -29.06 6.02 -21.35
N VAL A 153 -30.27 6.09 -21.89
CA VAL A 153 -30.78 5.12 -22.87
C VAL A 153 -31.09 5.86 -24.16
N LEU A 154 -30.54 5.37 -25.27
CA LEU A 154 -30.75 5.96 -26.60
C LEU A 154 -31.40 4.90 -27.48
N ILE A 155 -32.73 4.91 -27.54
CA ILE A 155 -33.49 4.07 -28.46
C ILE A 155 -34.05 4.96 -29.56
N GLN A 156 -33.60 4.74 -30.79
CA GLN A 156 -33.98 5.60 -31.90
C GLN A 156 -33.81 4.82 -33.20
N ARG A 157 -34.75 5.03 -34.13
CA ARG A 157 -34.74 4.48 -35.49
C ARG A 157 -34.74 2.94 -35.46
N ASN A 158 -35.73 2.38 -34.77
CA ASN A 158 -35.87 0.94 -34.65
C ASN A 158 -37.34 0.58 -34.85
N PRO A 159 -37.79 0.42 -36.10
CA PRO A 159 -39.20 0.11 -36.35
C PRO A 159 -39.53 -1.36 -36.26
N GLN A 160 -39.02 -2.06 -35.23
CA GLN A 160 -39.36 -3.45 -34.98
C GLN A 160 -39.59 -3.75 -33.51
N LEU A 161 -39.42 -2.78 -32.63
CA LEU A 161 -39.51 -2.99 -31.19
C LEU A 161 -40.82 -2.41 -30.66
N CYS A 162 -41.45 -3.13 -29.73
CA CYS A 162 -42.74 -2.72 -29.19
C CYS A 162 -42.60 -1.88 -27.91
N TYR A 163 -41.94 -2.43 -26.89
CA TYR A 163 -42.06 -1.95 -25.52
C TYR A 163 -40.90 -1.06 -25.10
N GLN A 164 -40.38 -0.22 -26.01
CA GLN A 164 -39.31 0.70 -25.63
C GLN A 164 -39.79 1.87 -24.80
N ASP A 165 -41.10 2.15 -24.80
CA ASP A 165 -41.65 3.31 -24.13
C ASP A 165 -42.25 3.02 -22.75
N THR A 166 -42.69 1.78 -22.50
CA THR A 166 -43.37 1.44 -21.26
C THR A 166 -42.43 0.93 -20.18
N ILE A 167 -41.12 1.16 -20.33
CA ILE A 167 -40.13 0.75 -19.33
C ILE A 167 -39.86 1.94 -18.42
N LEU A 168 -40.09 1.76 -17.12
CA LEU A 168 -39.81 2.79 -16.13
C LEU A 168 -38.31 2.81 -15.87
N TRP A 169 -37.60 3.71 -16.55
CA TRP A 169 -36.15 3.78 -16.41
C TRP A 169 -35.71 4.48 -15.12
N LYS A 170 -36.63 5.14 -14.41
CA LYS A 170 -36.29 5.70 -13.11
C LYS A 170 -36.10 4.60 -12.06
N ASP A 171 -36.74 3.45 -12.26
CA ASP A 171 -36.54 2.31 -11.36
C ASP A 171 -35.16 1.70 -11.55
N ILE A 172 -34.59 1.81 -12.75
CA ILE A 172 -33.30 1.21 -13.06
C ILE A 172 -32.16 2.17 -12.74
N PHE A 173 -32.33 3.46 -13.03
CA PHE A 173 -31.28 4.44 -12.87
C PHE A 173 -31.00 4.73 -11.39
N HIS A 174 -29.82 5.30 -11.14
CA HIS A 174 -29.40 5.64 -9.79
C HIS A 174 -29.99 6.99 -9.38
N LYS A 175 -29.96 7.27 -8.08
CA LYS A 175 -30.59 8.47 -7.55
C LYS A 175 -29.84 9.74 -7.92
N ASN A 176 -28.51 9.68 -8.04
CA ASN A 176 -27.73 10.88 -8.33
C ASN A 176 -27.92 11.34 -9.77
N ASN A 177 -28.22 10.43 -10.69
CA ASN A 177 -28.49 10.76 -12.08
C ASN A 177 -29.93 10.46 -12.46
N GLN A 178 -30.86 10.82 -11.57
CA GLN A 178 -32.29 10.68 -11.87
C GLN A 178 -32.75 11.69 -12.91
N LEU A 179 -32.03 12.79 -13.08
CA LEU A 179 -32.29 13.75 -14.14
C LEU A 179 -31.45 13.45 -15.38
N ALA A 180 -31.52 12.20 -15.84
CA ALA A 180 -30.74 11.75 -16.99
C ALA A 180 -31.50 12.02 -18.28
N LEU A 181 -30.95 11.55 -19.39
CA LEU A 181 -31.53 11.73 -20.70
C LEU A 181 -32.23 10.43 -21.11
N THR A 182 -33.51 10.52 -21.43
CA THR A 182 -34.36 9.35 -21.66
C THR A 182 -35.02 9.42 -23.03
N LEU A 183 -34.23 9.64 -24.07
CA LEU A 183 -34.75 9.71 -25.44
C LEU A 183 -35.26 8.34 -25.87
N ILE A 184 -36.56 8.25 -26.15
CA ILE A 184 -37.22 7.01 -26.50
C ILE A 184 -37.81 7.16 -27.90
N ASP A 185 -37.60 6.15 -28.75
CA ASP A 185 -38.17 6.14 -30.08
C ASP A 185 -39.70 6.02 -30.00
N THR A 186 -40.36 6.60 -31.00
CA THR A 186 -41.82 6.62 -31.07
C THR A 186 -42.38 5.81 -32.23
N ASN A 187 -41.80 5.96 -33.43
CA ASN A 187 -42.30 5.26 -34.60
C ASN A 187 -41.94 3.78 -34.54
N ARG A 188 -42.95 2.93 -34.72
CA ARG A 188 -42.77 1.49 -34.68
C ARG A 188 -43.23 0.78 -35.94
N SER A 189 -44.26 1.29 -36.62
CA SER A 189 -44.82 0.77 -37.87
C SER A 189 -45.31 -0.68 -37.77
N ARG A 190 -45.62 -1.15 -36.57
CA ARG A 190 -46.14 -2.51 -36.37
C ARG A 190 -46.88 -2.56 -35.05
N ALA A 191 -48.15 -2.93 -35.08
CA ALA A 191 -48.94 -3.09 -33.87
C ALA A 191 -48.79 -4.52 -33.36
N CYS A 192 -48.55 -4.68 -32.05
CA CYS A 192 -48.34 -6.00 -31.48
C CYS A 192 -49.23 -6.22 -30.26
N HIS A 193 -49.02 -7.35 -29.57
CA HIS A 193 -49.85 -7.76 -28.45
C HIS A 193 -49.54 -6.93 -27.21
N PRO A 194 -50.49 -6.82 -26.27
CA PRO A 194 -50.19 -6.16 -24.98
C PRO A 194 -49.39 -7.05 -24.03
N CYS A 195 -49.18 -6.58 -22.80
CA CYS A 195 -48.38 -7.30 -21.82
C CYS A 195 -49.11 -8.55 -21.31
N SER A 196 -48.38 -9.34 -20.52
CA SER A 196 -48.93 -10.57 -19.97
C SER A 196 -49.83 -10.25 -18.77
N PRO A 197 -51.02 -10.86 -18.69
CA PRO A 197 -51.95 -10.53 -17.59
C PRO A 197 -51.56 -11.08 -16.24
N MET A 198 -50.55 -11.96 -16.14
CA MET A 198 -50.24 -12.58 -14.86
C MET A 198 -49.51 -11.63 -13.92
N CYS A 199 -48.74 -10.69 -14.45
CA CYS A 199 -48.05 -9.69 -13.64
C CYS A 199 -48.63 -8.31 -13.92
N LYS A 200 -48.88 -7.55 -12.85
CA LYS A 200 -49.53 -6.26 -12.95
C LYS A 200 -48.49 -5.15 -13.11
N GLY A 201 -48.95 -3.90 -13.07
CA GLY A 201 -48.09 -2.75 -13.22
C GLY A 201 -47.90 -2.28 -14.65
N SER A 202 -48.24 -3.12 -15.63
CA SER A 202 -48.09 -2.84 -17.07
C SER A 202 -46.65 -2.50 -17.44
N ARG A 203 -45.70 -3.16 -16.78
CA ARG A 203 -44.27 -2.98 -16.99
C ARG A 203 -43.71 -4.29 -17.53
N CYS A 204 -43.79 -4.48 -18.84
CA CYS A 204 -43.32 -5.70 -19.47
C CYS A 204 -42.28 -5.38 -20.55
N TRP A 205 -41.41 -6.35 -20.82
CA TRP A 205 -40.40 -6.20 -21.86
C TRP A 205 -40.82 -6.83 -23.18
N GLY A 206 -41.58 -7.91 -23.15
CA GLY A 206 -42.01 -8.59 -24.36
C GLY A 206 -43.41 -9.15 -24.19
N GLU A 207 -43.65 -10.31 -24.82
CA GLU A 207 -44.96 -10.95 -24.79
C GLU A 207 -45.03 -12.14 -23.86
N SER A 208 -43.90 -12.64 -23.38
CA SER A 208 -43.89 -13.81 -22.52
C SER A 208 -44.34 -13.44 -21.10
N SER A 209 -44.78 -14.46 -20.36
CA SER A 209 -45.25 -14.25 -19.00
C SER A 209 -44.10 -14.02 -18.02
N GLU A 210 -42.95 -14.64 -18.27
CA GLU A 210 -41.77 -14.47 -17.42
C GLU A 210 -40.89 -13.31 -17.87
N ASP A 211 -41.37 -12.50 -18.81
CA ASP A 211 -40.57 -11.45 -19.43
C ASP A 211 -41.15 -10.08 -19.11
N CYS A 212 -41.54 -9.86 -17.86
CA CYS A 212 -42.00 -8.56 -17.40
C CYS A 212 -41.18 -8.11 -16.20
N GLN A 213 -41.07 -6.79 -16.04
CA GLN A 213 -40.16 -6.18 -15.09
C GLN A 213 -40.79 -6.04 -13.72
N SER A 214 -40.02 -6.41 -12.70
CA SER A 214 -40.39 -6.18 -11.30
C SER A 214 -39.68 -4.92 -10.81
N LEU A 215 -40.43 -4.05 -10.13
CA LEU A 215 -39.88 -2.79 -9.66
C LEU A 215 -38.95 -3.02 -8.47
N THR A 216 -37.86 -2.25 -8.42
CA THR A 216 -36.88 -2.35 -7.36
C THR A 216 -36.63 -1.05 -6.61
N ARG A 217 -37.20 0.07 -7.06
CA ARG A 217 -37.00 1.35 -6.41
C ARG A 217 -38.29 1.96 -5.88
N THR A 218 -39.32 2.08 -6.70
CA THR A 218 -40.55 2.76 -6.29
C THR A 218 -41.45 1.88 -5.43
N VAL A 219 -41.23 0.56 -5.42
CA VAL A 219 -42.05 -0.32 -4.60
C VAL A 219 -41.54 -0.39 -3.17
N CYS A 220 -40.35 0.15 -2.90
CA CYS A 220 -39.74 0.08 -1.58
C CYS A 220 -40.45 1.03 -0.61
N ALA A 221 -40.20 0.81 0.69
CA ALA A 221 -40.75 1.63 1.75
C ALA A 221 -39.61 2.19 2.58
N GLY A 222 -39.75 3.46 2.99
CA GLY A 222 -38.72 4.11 3.77
C GLY A 222 -37.55 4.56 2.89
N GLY A 223 -36.36 4.55 3.47
CA GLY A 223 -35.17 4.96 2.75
C GLY A 223 -34.37 3.80 2.21
N CYS A 224 -35.05 2.76 1.75
CA CYS A 224 -34.37 1.60 1.18
C CYS A 224 -33.87 1.91 -0.21
N ALA A 225 -32.64 1.48 -0.51
CA ALA A 225 -32.10 1.64 -1.85
C ALA A 225 -32.73 0.66 -2.82
N ARG A 226 -32.59 -0.63 -2.55
CA ARG A 226 -33.23 -1.67 -3.33
C ARG A 226 -33.93 -2.64 -2.39
N CYS A 227 -35.03 -3.22 -2.87
CA CYS A 227 -35.83 -4.15 -2.08
C CYS A 227 -36.44 -5.20 -2.99
N LYS A 228 -36.77 -6.35 -2.39
CA LYS A 228 -37.38 -7.44 -3.14
C LYS A 228 -38.89 -7.22 -3.27
N GLY A 229 -39.56 -6.91 -2.15
CA GLY A 229 -40.97 -6.67 -2.16
C GLY A 229 -41.34 -5.38 -1.46
N PRO A 230 -42.63 -5.15 -1.23
CA PRO A 230 -43.07 -3.93 -0.55
C PRO A 230 -42.82 -3.91 0.95
N LEU A 231 -42.46 -5.05 1.55
CA LEU A 231 -42.23 -5.10 2.98
C LEU A 231 -40.89 -4.44 3.34
N PRO A 232 -40.80 -3.81 4.52
CA PRO A 232 -39.52 -3.26 4.96
C PRO A 232 -38.48 -4.32 5.30
N THR A 233 -38.91 -5.55 5.58
CA THR A 233 -37.95 -6.63 5.85
C THR A 233 -37.22 -7.04 4.58
N ASP A 234 -37.89 -6.96 3.43
CA ASP A 234 -37.34 -7.41 2.16
C ASP A 234 -36.38 -6.40 1.51
N CYS A 235 -35.95 -5.37 2.23
CA CYS A 235 -34.97 -4.45 1.68
C CYS A 235 -33.59 -5.10 1.66
N CYS A 236 -32.72 -4.57 0.81
CA CYS A 236 -31.41 -5.15 0.57
C CYS A 236 -30.33 -4.41 1.36
N HIS A 237 -29.12 -4.96 1.31
CA HIS A 237 -27.96 -4.33 1.91
C HIS A 237 -27.59 -3.07 1.13
N GLU A 238 -26.94 -2.12 1.82
CA GLU A 238 -26.63 -0.83 1.21
C GLU A 238 -25.54 -0.91 0.15
N GLN A 239 -24.81 -2.03 0.06
CA GLN A 239 -23.87 -2.25 -1.01
C GLN A 239 -24.47 -2.97 -2.20
N CYS A 240 -25.62 -3.62 -2.02
CA CYS A 240 -26.32 -4.24 -3.15
C CYS A 240 -26.83 -3.16 -4.10
N ALA A 241 -26.50 -3.31 -5.37
CA ALA A 241 -26.87 -2.32 -6.39
C ALA A 241 -28.02 -2.78 -7.26
N ALA A 242 -27.96 -4.01 -7.78
CA ALA A 242 -28.99 -4.55 -8.67
C ALA A 242 -29.96 -5.48 -7.94
N GLY A 243 -30.17 -5.26 -6.65
CA GLY A 243 -31.07 -6.09 -5.86
C GLY A 243 -30.32 -7.16 -5.09
N CYS A 244 -31.10 -8.02 -4.43
CA CYS A 244 -30.54 -9.08 -3.61
C CYS A 244 -31.56 -10.21 -3.53
N THR A 245 -31.17 -11.28 -2.85
CA THR A 245 -32.06 -12.38 -2.51
C THR A 245 -32.29 -12.53 -1.02
N GLY A 246 -31.30 -12.17 -0.20
CA GLY A 246 -31.43 -12.20 1.24
C GLY A 246 -30.96 -10.91 1.87
N PRO A 247 -31.15 -10.76 3.17
CA PRO A 247 -30.74 -9.53 3.85
C PRO A 247 -29.25 -9.43 4.12
N LYS A 248 -28.47 -10.47 3.84
CA LYS A 248 -27.05 -10.46 4.13
C LYS A 248 -26.30 -9.63 3.08
N HIS A 249 -25.01 -9.41 3.34
CA HIS A 249 -24.14 -8.66 2.45
C HIS A 249 -23.33 -9.54 1.52
N SER A 250 -23.54 -10.86 1.57
CA SER A 250 -22.81 -11.80 0.72
C SER A 250 -23.69 -12.43 -0.35
N ASP A 251 -24.94 -11.99 -0.46
CA ASP A 251 -25.87 -12.57 -1.42
C ASP A 251 -26.64 -11.48 -2.17
N CYS A 252 -25.94 -10.44 -2.61
CA CYS A 252 -26.54 -9.47 -3.53
C CYS A 252 -26.71 -10.11 -4.90
N LEU A 253 -27.59 -9.51 -5.71
CA LEU A 253 -27.67 -9.91 -7.11
C LEU A 253 -26.46 -9.39 -7.88
N ALA A 254 -26.14 -8.11 -7.72
CA ALA A 254 -24.91 -7.52 -8.23
C ALA A 254 -24.60 -6.31 -7.36
N CYS A 255 -23.62 -6.44 -6.47
CA CYS A 255 -23.31 -5.35 -5.57
C CYS A 255 -22.42 -4.31 -6.25
N LEU A 256 -22.10 -3.25 -5.52
CA LEU A 256 -21.71 -1.99 -6.16
C LEU A 256 -20.20 -1.87 -6.38
N HIS A 257 -19.40 -1.91 -5.30
CA HIS A 257 -18.03 -1.38 -5.39
C HIS A 257 -17.00 -2.42 -5.83
N PHE A 258 -16.78 -3.44 -5.00
CA PHE A 258 -15.64 -4.34 -5.22
C PHE A 258 -15.97 -5.71 -4.65
N ASN A 259 -16.18 -6.69 -5.53
CA ASN A 259 -16.49 -8.06 -5.14
C ASN A 259 -15.22 -8.86 -4.91
N HIS A 260 -15.22 -9.66 -3.84
CA HIS A 260 -14.24 -10.74 -3.66
C HIS A 260 -14.88 -11.82 -2.80
N SER A 261 -14.96 -13.04 -3.36
CA SER A 261 -15.46 -14.25 -2.69
C SER A 261 -16.89 -14.09 -2.17
N GLY A 262 -17.68 -13.26 -2.82
CA GLY A 262 -19.05 -13.00 -2.38
C GLY A 262 -19.21 -11.83 -1.43
N ILE A 263 -18.36 -11.75 -0.41
CA ILE A 263 -18.42 -10.67 0.57
C ILE A 263 -17.81 -9.42 -0.06
N CYS A 264 -18.65 -8.43 -0.34
CA CYS A 264 -18.22 -7.20 -0.99
C CYS A 264 -18.58 -6.01 -0.12
N GLU A 265 -17.70 -5.00 -0.10
CA GLU A 265 -17.84 -3.86 0.78
C GLU A 265 -17.44 -2.60 0.01
N LEU A 266 -17.24 -1.50 0.74
CA LEU A 266 -16.93 -0.21 0.14
C LEU A 266 -15.54 -0.20 -0.51
N HIS A 267 -14.51 -0.45 0.28
CA HIS A 267 -13.14 -0.44 -0.21
C HIS A 267 -12.55 -1.84 -0.17
N CYS A 268 -11.84 -2.19 -1.23
CA CYS A 268 -11.18 -3.49 -1.30
C CYS A 268 -9.97 -3.50 -0.38
N PRO A 269 -9.70 -4.61 0.32
CA PRO A 269 -8.56 -4.67 1.24
C PRO A 269 -7.22 -4.59 0.49
N ALA A 270 -6.38 -3.65 0.92
CA ALA A 270 -5.10 -3.41 0.27
C ALA A 270 -4.06 -4.42 0.76
N LEU A 271 -2.84 -4.29 0.22
CA LEU A 271 -1.76 -5.22 0.54
C LEU A 271 -1.05 -4.89 1.84
N VAL A 272 -1.15 -3.65 2.32
CA VAL A 272 -0.48 -3.21 3.53
C VAL A 272 -1.53 -2.70 4.50
N THR A 273 -1.61 -3.31 5.68
CA THR A 273 -2.54 -2.91 6.73
C THR A 273 -1.81 -2.02 7.72
N TYR A 274 -2.30 -0.79 7.88
CA TYR A 274 -1.70 0.18 8.80
C TYR A 274 -2.26 -0.06 10.20
N ASN A 275 -1.39 -0.35 11.15
CA ASN A 275 -1.79 -0.59 12.53
C ASN A 275 -1.71 0.69 13.34
N THR A 276 -2.60 0.82 14.31
CA THR A 276 -2.65 1.98 15.20
C THR A 276 -2.21 1.64 16.62
N ASP A 277 -1.70 0.43 16.84
CA ASP A 277 -1.24 0.06 18.18
C ASP A 277 0.11 0.67 18.49
N THR A 278 1.13 0.33 17.70
CA THR A 278 2.46 0.90 17.83
C THR A 278 2.84 1.71 16.58
N PHE A 279 1.84 2.05 15.76
CA PHE A 279 1.97 2.90 14.57
C PHE A 279 2.93 2.29 13.55
N GLU A 280 2.88 0.96 13.40
CA GLU A 280 3.75 0.23 12.49
C GLU A 280 3.04 0.01 11.16
N SER A 281 3.78 -0.61 10.23
CA SER A 281 3.28 -0.88 8.89
C SER A 281 3.48 -2.37 8.60
N MET A 282 2.38 -3.13 8.59
CA MET A 282 2.43 -4.56 8.34
C MET A 282 1.81 -4.89 7.00
N PRO A 283 2.45 -5.70 6.17
CA PRO A 283 1.79 -6.19 4.95
C PRO A 283 0.67 -7.16 5.29
N ASN A 284 -0.35 -7.15 4.44
CA ASN A 284 -1.52 -8.01 4.65
C ASN A 284 -1.36 -9.29 3.84
N PRO A 285 -1.31 -10.47 4.47
CA PRO A 285 -1.29 -11.71 3.69
C PRO A 285 -2.62 -12.01 3.01
N GLU A 286 -3.73 -11.51 3.55
CA GLU A 286 -5.06 -11.74 2.98
C GLU A 286 -5.54 -10.57 2.14
N GLY A 287 -4.63 -9.66 1.76
CA GLY A 287 -5.02 -8.52 0.94
C GLY A 287 -5.03 -8.91 -0.53
N ARG A 288 -6.13 -8.60 -1.21
CA ARG A 288 -6.28 -8.94 -2.62
C ARG A 288 -5.82 -7.77 -3.48
N TYR A 289 -6.04 -7.88 -4.79
CA TYR A 289 -5.68 -6.84 -5.74
C TYR A 289 -6.95 -6.22 -6.33
N THR A 290 -6.87 -4.93 -6.62
CA THR A 290 -7.99 -4.20 -7.21
C THR A 290 -7.95 -4.36 -8.72
N PHE A 291 -9.02 -4.91 -9.29
CA PHE A 291 -9.09 -5.19 -10.73
C PHE A 291 -10.48 -4.82 -11.23
N GLY A 292 -10.61 -3.60 -11.74
CA GLY A 292 -11.87 -3.12 -12.28
C GLY A 292 -12.93 -2.87 -11.22
N ALA A 293 -13.96 -3.71 -11.19
CA ALA A 293 -15.04 -3.59 -10.23
C ALA A 293 -15.09 -4.79 -9.27
N SER A 294 -14.05 -5.61 -9.27
CA SER A 294 -13.97 -6.78 -8.41
C SER A 294 -12.55 -6.93 -7.90
N CYS A 295 -12.35 -7.92 -7.02
CA CYS A 295 -11.04 -8.22 -6.47
C CYS A 295 -10.81 -9.72 -6.55
N VAL A 296 -9.67 -10.12 -7.10
CA VAL A 296 -9.34 -11.52 -7.28
C VAL A 296 -8.09 -11.85 -6.49
N THR A 297 -7.64 -13.11 -6.58
CA THR A 297 -6.41 -13.53 -5.92
C THR A 297 -5.19 -12.84 -6.53
N ALA A 298 -5.06 -12.93 -7.86
CA ALA A 298 -4.03 -12.21 -8.59
C ALA A 298 -4.56 -11.94 -9.99
N CYS A 299 -4.52 -10.68 -10.41
CA CYS A 299 -5.10 -10.32 -11.69
C CYS A 299 -4.22 -10.82 -12.83
N PRO A 300 -4.82 -11.26 -13.96
CA PRO A 300 -4.06 -12.00 -14.97
C PRO A 300 -3.09 -11.17 -15.80
N TYR A 301 -2.56 -11.81 -16.84
CA TYR A 301 -1.54 -11.27 -17.72
C TYR A 301 -2.04 -10.02 -18.45
N ASN A 302 -1.09 -9.19 -18.87
CA ASN A 302 -1.31 -7.86 -19.47
C ASN A 302 -2.06 -6.92 -18.52
N TYR A 303 -1.76 -7.03 -17.23
CA TYR A 303 -2.24 -6.07 -16.23
C TYR A 303 -1.11 -5.83 -15.24
N LEU A 304 -0.49 -4.65 -15.33
CA LEU A 304 0.69 -4.33 -14.54
C LEU A 304 0.28 -3.96 -13.13
N SER A 305 0.76 -4.72 -12.15
CA SER A 305 0.41 -4.49 -10.76
C SER A 305 1.21 -3.33 -10.18
N THR A 306 0.59 -2.62 -9.25
CA THR A 306 1.18 -1.48 -8.56
C THR A 306 1.33 -1.79 -7.07
N ASP A 307 1.76 -0.77 -6.32
CA ASP A 307 1.93 -0.94 -4.88
C ASP A 307 0.61 -0.92 -4.12
N VAL A 308 -0.41 -0.27 -4.68
CA VAL A 308 -1.72 -0.19 -4.03
C VAL A 308 -2.63 -1.33 -4.44
N GLY A 309 -2.17 -2.25 -5.28
CA GLY A 309 -2.97 -3.37 -5.73
C GLY A 309 -3.90 -3.07 -6.89
N SER A 310 -3.93 -1.83 -7.39
CA SER A 310 -4.81 -1.46 -8.49
C SER A 310 -4.07 -1.70 -9.81
N CYS A 311 -4.12 -2.94 -10.27
CA CYS A 311 -3.47 -3.29 -11.52
C CYS A 311 -4.32 -2.86 -12.71
N THR A 312 -3.65 -2.32 -13.73
CA THR A 312 -4.31 -1.79 -14.91
C THR A 312 -3.38 -1.94 -16.10
N LEU A 313 -3.69 -1.24 -17.19
CA LEU A 313 -2.93 -1.39 -18.43
C LEU A 313 -1.56 -0.72 -18.32
N VAL A 314 -1.53 0.59 -18.11
CA VAL A 314 -0.29 1.34 -18.07
C VAL A 314 -0.04 1.83 -16.66
N CYS A 315 1.26 2.04 -16.34
CA CYS A 315 1.68 2.54 -15.04
C CYS A 315 1.88 4.05 -15.08
N PRO A 316 1.68 4.75 -13.95
CA PRO A 316 1.89 6.20 -13.94
C PRO A 316 3.36 6.61 -14.01
N LEU A 317 3.62 7.90 -13.85
CA LEU A 317 4.97 8.44 -13.94
C LEU A 317 5.81 8.00 -12.75
N HIS A 318 7.13 8.17 -12.89
CA HIS A 318 8.16 7.72 -11.95
C HIS A 318 8.06 6.22 -11.67
N ASN A 319 7.76 5.45 -12.72
CA ASN A 319 7.61 4.01 -12.63
C ASN A 319 8.23 3.35 -13.84
N GLN A 320 8.75 2.14 -13.64
CA GLN A 320 9.35 1.35 -14.72
C GLN A 320 8.79 -0.07 -14.67
N GLU A 321 8.47 -0.61 -15.84
CA GLU A 321 7.94 -1.96 -15.96
C GLU A 321 9.09 -2.96 -15.83
N VAL A 322 9.11 -3.70 -14.73
CA VAL A 322 10.13 -4.70 -14.48
C VAL A 322 9.49 -6.08 -14.44
N THR A 323 10.32 -7.11 -14.31
CA THR A 323 9.88 -8.49 -14.30
C THR A 323 10.01 -9.06 -12.89
N ALA A 324 8.94 -9.70 -12.40
CA ALA A 324 8.93 -10.29 -11.07
C ALA A 324 9.32 -11.76 -11.07
N GLU A 325 10.13 -12.18 -12.04
CA GLU A 325 10.71 -13.52 -12.27
C GLU A 325 9.73 -14.68 -12.09
N ASP A 326 8.45 -14.45 -12.39
CA ASP A 326 7.42 -15.47 -12.21
C ASP A 326 6.47 -15.57 -13.40
N GLY A 327 6.81 -14.95 -14.53
CA GLY A 327 5.91 -14.86 -15.66
C GLY A 327 5.00 -13.65 -15.65
N THR A 328 4.80 -13.03 -14.50
CA THR A 328 4.02 -11.81 -14.36
C THR A 328 4.95 -10.62 -14.15
N GLN A 329 4.37 -9.43 -14.23
CA GLN A 329 5.13 -8.19 -14.09
C GLN A 329 4.45 -7.28 -13.07
N ARG A 330 5.25 -6.41 -12.47
CA ARG A 330 4.77 -5.51 -11.42
C ARG A 330 5.67 -4.28 -11.40
N CYS A 331 5.18 -3.16 -11.91
CA CYS A 331 5.97 -1.94 -11.97
C CYS A 331 6.10 -1.31 -10.59
N GLU A 332 7.30 -0.82 -10.30
CA GLU A 332 7.61 -0.16 -9.04
C GLU A 332 8.26 1.18 -9.33
N LYS A 333 8.66 1.88 -8.26
CA LYS A 333 9.30 3.18 -8.41
C LYS A 333 10.74 3.02 -8.90
N CYS A 334 11.27 4.10 -9.48
CA CYS A 334 12.60 4.08 -10.07
C CYS A 334 13.46 5.20 -9.50
N SER A 335 14.59 5.47 -10.14
CA SER A 335 15.58 6.43 -9.64
C SER A 335 15.13 7.87 -9.89
N LYS A 336 16.05 8.82 -9.74
CA LYS A 336 15.68 10.22 -9.89
C LYS A 336 15.53 10.65 -11.36
N PRO A 337 16.54 10.45 -12.30
CA PRO A 337 16.28 10.88 -13.69
C PRO A 337 15.21 10.07 -14.40
N CYS A 338 15.44 8.77 -14.50
CA CYS A 338 14.60 7.80 -15.23
C CYS A 338 14.26 8.27 -16.65
N ALA A 339 15.30 8.59 -17.41
CA ALA A 339 15.17 8.95 -18.81
C ALA A 339 15.26 7.68 -19.66
N ARG A 340 15.41 7.87 -20.98
CA ARG A 340 15.49 6.80 -21.98
C ARG A 340 14.23 5.91 -21.94
N VAL A 341 13.12 6.54 -22.31
CA VAL A 341 11.84 5.87 -22.42
C VAL A 341 11.25 6.17 -23.79
N CYS A 342 10.66 5.15 -24.41
CA CYS A 342 10.12 5.27 -25.76
C CYS A 342 8.60 5.24 -25.71
N TYR A 343 7.97 6.22 -26.35
CA TYR A 343 6.52 6.33 -26.38
C TYR A 343 5.99 5.99 -27.76
N GLY A 344 4.78 5.46 -27.80
CA GLY A 344 4.12 5.06 -29.03
C GLY A 344 2.73 5.66 -29.14
N LEU A 345 1.89 4.98 -29.90
CA LEU A 345 0.53 5.44 -30.12
C LEU A 345 -0.34 5.15 -28.89
N GLY A 346 -1.14 6.13 -28.50
CA GLY A 346 -2.00 5.99 -27.34
C GLY A 346 -1.30 6.35 -26.05
N MET A 347 -0.45 7.38 -26.11
CA MET A 347 0.34 7.80 -24.96
C MET A 347 0.29 9.32 -24.79
N GLU A 348 1.18 9.87 -23.96
CA GLU A 348 1.18 11.30 -23.69
C GLU A 348 1.61 12.11 -24.91
N HIS A 349 2.56 11.60 -25.69
CA HIS A 349 3.09 12.34 -26.82
C HIS A 349 2.33 12.12 -28.11
N LEU A 350 1.60 11.01 -28.24
CA LEU A 350 0.88 10.67 -29.47
C LEU A 350 -0.56 10.32 -29.11
N ARG A 351 -1.48 11.26 -29.39
CA ARG A 351 -2.91 11.05 -29.13
C ARG A 351 -3.75 11.10 -30.40
N GLU A 352 -3.60 12.16 -31.20
CA GLU A 352 -4.50 12.37 -32.32
C GLU A 352 -4.06 11.57 -33.55
N VAL A 353 -2.76 11.46 -33.79
CA VAL A 353 -2.26 10.82 -34.99
C VAL A 353 -2.41 9.31 -34.87
N ARG A 354 -2.75 8.65 -35.99
CA ARG A 354 -2.91 7.21 -36.04
C ARG A 354 -1.91 6.51 -36.94
N ALA A 355 -1.42 7.19 -37.98
CA ALA A 355 -0.50 6.60 -38.94
C ALA A 355 0.93 7.00 -38.60
N VAL A 356 1.85 6.05 -38.76
CA VAL A 356 3.27 6.31 -38.60
C VAL A 356 3.76 7.03 -39.85
N THR A 357 4.14 8.29 -39.70
CA THR A 357 4.59 9.13 -40.80
C THR A 357 6.03 9.55 -40.48
N SER A 358 6.61 10.42 -41.31
CA SER A 358 7.96 10.94 -41.07
C SER A 358 7.99 12.01 -39.99
N ALA A 359 6.82 12.51 -39.55
CA ALA A 359 6.80 13.52 -38.50
C ALA A 359 7.13 12.94 -37.13
N ASN A 360 6.90 11.65 -36.92
CA ASN A 360 7.21 11.01 -35.64
C ASN A 360 8.14 9.81 -35.79
N ILE A 361 8.89 9.74 -36.89
CA ILE A 361 9.84 8.65 -37.06
C ILE A 361 11.09 8.88 -36.21
N GLN A 362 11.36 10.13 -35.80
CA GLN A 362 12.49 10.42 -34.93
C GLN A 362 12.24 9.93 -33.51
N GLU A 363 10.97 9.86 -33.09
CA GLU A 363 10.64 9.44 -31.73
C GLU A 363 10.82 7.93 -31.53
N PHE A 364 10.89 7.15 -32.60
CA PHE A 364 11.08 5.71 -32.54
C PHE A 364 12.50 5.32 -32.92
N ALA A 365 13.48 6.14 -32.53
CA ALA A 365 14.88 5.94 -32.92
C ALA A 365 15.60 5.16 -31.83
N GLY A 366 15.89 3.89 -32.09
CA GLY A 366 16.75 3.09 -31.25
C GLY A 366 16.10 2.52 -30.00
N CYS A 367 14.84 2.81 -29.75
CA CYS A 367 14.18 2.27 -28.56
C CYS A 367 13.76 0.82 -28.80
N LYS A 368 13.97 -0.02 -27.78
CA LYS A 368 13.71 -1.45 -27.89
C LYS A 368 12.35 -1.87 -27.33
N LYS A 369 11.79 -1.10 -26.40
CA LYS A 369 10.52 -1.43 -25.76
C LYS A 369 9.59 -0.22 -25.92
N ILE A 370 8.76 -0.25 -26.96
CA ILE A 370 7.86 0.86 -27.25
C ILE A 370 6.66 0.78 -26.33
N PHE A 371 6.52 1.77 -25.46
CA PHE A 371 5.28 1.94 -24.69
C PHE A 371 4.24 2.56 -25.63
N GLY A 372 3.28 1.76 -26.05
CA GLY A 372 2.28 2.19 -27.00
C GLY A 372 2.14 1.16 -28.11
N SER A 373 1.61 1.61 -29.24
CA SER A 373 1.33 0.74 -30.37
C SER A 373 1.95 1.31 -31.64
N LEU A 374 1.84 0.52 -32.72
CA LEU A 374 2.32 0.93 -34.04
C LEU A 374 1.24 0.55 -35.05
N ALA A 375 0.74 1.53 -35.79
CA ALA A 375 -0.29 1.32 -36.78
C ALA A 375 0.17 1.89 -38.12
N PHE A 376 0.05 1.10 -39.18
CA PHE A 376 0.43 1.49 -40.53
C PHE A 376 -0.85 1.66 -41.34
N LEU A 377 -1.41 2.86 -41.31
CA LEU A 377 -2.61 3.16 -42.06
C LEU A 377 -2.27 3.30 -43.55
N PRO A 378 -3.27 3.15 -44.44
CA PRO A 378 -3.02 3.40 -45.87
C PRO A 378 -2.73 4.86 -46.21
N GLU A 379 -3.00 5.81 -45.30
CA GLU A 379 -2.65 7.20 -45.51
C GLU A 379 -1.19 7.50 -45.14
N SER A 380 -0.44 6.52 -44.66
CA SER A 380 0.95 6.72 -44.28
C SER A 380 1.90 6.70 -45.47
N PHE A 381 1.43 6.27 -46.64
CA PHE A 381 2.26 6.23 -47.85
C PHE A 381 1.67 7.11 -48.95
N ASP A 382 0.83 8.06 -48.60
CA ASP A 382 0.19 8.95 -49.56
C ASP A 382 0.77 10.36 -49.43
N GLY A 383 0.83 11.08 -50.54
CA GLY A 383 1.34 12.43 -50.55
C GLY A 383 0.25 13.47 -50.55
N ASP A 384 0.00 14.09 -49.39
CA ASP A 384 -1.03 15.11 -49.27
C ASP A 384 -0.39 16.48 -49.44
N PRO A 385 -0.79 17.26 -50.45
CA PRO A 385 -0.20 18.59 -50.63
C PRO A 385 -0.66 19.57 -49.56
N ALA A 386 0.18 20.59 -49.33
CA ALA A 386 -0.04 21.68 -48.37
C ALA A 386 -0.26 21.18 -46.95
N SER A 387 0.38 20.08 -46.58
CA SER A 387 0.28 19.55 -45.23
C SER A 387 1.61 19.06 -44.67
N ASN A 388 2.70 19.10 -45.45
CA ASN A 388 4.04 18.66 -45.06
C ASN A 388 4.06 17.22 -44.59
N THR A 389 3.32 16.35 -45.29
CA THR A 389 3.23 14.93 -44.96
C THR A 389 3.90 14.15 -46.09
N ALA A 390 5.20 13.94 -45.96
CA ALA A 390 5.95 13.19 -46.96
C ALA A 390 5.74 11.69 -46.76
N PRO A 391 5.64 10.91 -47.84
CA PRO A 391 5.50 9.47 -47.69
C PRO A 391 6.80 8.81 -47.24
N LEU A 392 6.65 7.64 -46.62
CA LEU A 392 7.79 6.93 -46.06
C LEU A 392 8.61 6.26 -47.18
N GLN A 393 9.83 5.88 -46.83
CA GLN A 393 10.74 5.18 -47.71
C GLN A 393 11.03 3.79 -47.15
N PRO A 394 11.35 2.81 -48.01
CA PRO A 394 11.72 1.48 -47.50
C PRO A 394 13.02 1.48 -46.71
N GLU A 395 13.95 2.38 -47.03
CA GLU A 395 15.18 2.49 -46.25
C GLU A 395 14.97 3.19 -44.91
N GLN A 396 13.88 3.94 -44.76
CA GLN A 396 13.57 4.60 -43.49
C GLN A 396 12.89 3.69 -42.50
N LEU A 397 12.41 2.53 -42.93
CA LEU A 397 11.77 1.56 -42.04
C LEU A 397 12.77 0.63 -41.37
N GLN A 398 14.07 0.85 -41.56
CA GLN A 398 15.10 0.02 -40.93
C GLN A 398 15.41 0.44 -39.50
N VAL A 399 14.73 1.47 -38.99
CA VAL A 399 14.97 1.91 -37.61
C VAL A 399 14.33 0.96 -36.60
N PHE A 400 13.36 0.14 -37.02
CA PHE A 400 12.70 -0.81 -36.15
C PHE A 400 13.39 -2.17 -36.13
N GLU A 401 14.68 -2.23 -36.49
CA GLU A 401 15.41 -3.49 -36.46
C GLU A 401 15.71 -3.92 -35.04
N THR A 402 16.02 -2.97 -34.15
CA THR A 402 16.31 -3.27 -32.76
C THR A 402 15.06 -3.41 -31.90
N LEU A 403 13.88 -3.30 -32.49
CA LEU A 403 12.64 -3.44 -31.73
C LEU A 403 12.40 -4.89 -31.36
N GLU A 404 12.02 -5.12 -30.10
CA GLU A 404 11.77 -6.47 -29.60
C GLU A 404 10.39 -6.61 -28.97
N GLU A 405 9.86 -5.52 -28.41
CA GLU A 405 8.62 -5.59 -27.65
C GLU A 405 7.71 -4.42 -28.00
N ILE A 406 6.46 -4.72 -28.32
CA ILE A 406 5.42 -3.73 -28.56
C ILE A 406 4.32 -3.95 -27.54
N THR A 407 4.00 -2.91 -26.77
CA THR A 407 2.97 -3.02 -25.75
C THR A 407 1.56 -2.92 -26.32
N GLY A 408 1.40 -2.47 -27.56
CA GLY A 408 0.09 -2.31 -28.15
C GLY A 408 -0.19 -3.29 -29.27
N TYR A 409 -0.84 -2.80 -30.33
CA TYR A 409 -1.22 -3.61 -31.48
C TYR A 409 -0.33 -3.29 -32.68
N LEU A 410 -0.38 -4.17 -33.67
CA LEU A 410 0.37 -4.02 -34.92
C LEU A 410 -0.64 -4.03 -36.06
N TYR A 411 -1.03 -2.84 -36.51
CA TYR A 411 -2.05 -2.68 -37.55
C TYR A 411 -1.36 -2.25 -38.84
N ILE A 412 -0.98 -3.23 -39.66
CA ILE A 412 -0.30 -2.97 -40.93
C ILE A 412 -1.33 -3.11 -42.04
N SER A 413 -1.59 -2.01 -42.76
CA SER A 413 -2.58 -2.01 -43.83
C SER A 413 -2.05 -1.43 -45.13
N ALA A 414 -0.75 -1.12 -45.22
CA ALA A 414 -0.16 -0.60 -46.44
C ALA A 414 1.29 -1.04 -46.50
N TRP A 415 1.72 -1.47 -47.69
CA TRP A 415 3.07 -1.98 -47.86
C TRP A 415 3.51 -1.80 -49.31
N PRO A 416 4.67 -1.18 -49.56
CA PRO A 416 5.12 -0.98 -50.95
C PRO A 416 5.62 -2.25 -51.62
N ASP A 417 6.14 -2.11 -52.84
CA ASP A 417 6.65 -3.24 -53.61
C ASP A 417 8.16 -3.44 -53.43
N SER A 418 8.70 -3.08 -52.26
CA SER A 418 10.14 -3.20 -52.04
C SER A 418 10.53 -4.62 -51.69
N LEU A 419 10.01 -5.14 -50.57
CA LEU A 419 10.34 -6.49 -50.12
C LEU A 419 9.09 -7.15 -49.55
N PRO A 420 8.83 -8.41 -49.90
CA PRO A 420 7.49 -8.98 -49.67
C PRO A 420 7.24 -9.56 -48.28
N ASP A 421 8.08 -9.23 -47.30
CA ASP A 421 7.91 -9.79 -45.96
C ASP A 421 8.12 -8.69 -44.93
N LEU A 422 8.31 -9.11 -43.67
CA LEU A 422 8.39 -8.20 -42.54
C LEU A 422 9.79 -8.22 -41.93
N SER A 423 10.82 -8.16 -42.78
CA SER A 423 12.20 -8.18 -42.31
C SER A 423 12.58 -6.93 -41.52
N VAL A 424 11.81 -5.85 -41.63
CA VAL A 424 12.02 -4.68 -40.78
C VAL A 424 11.51 -4.92 -39.35
N PHE A 425 10.68 -5.94 -39.14
CA PHE A 425 10.23 -6.35 -37.81
C PHE A 425 10.62 -7.80 -37.54
N GLN A 426 11.80 -8.20 -37.99
CA GLN A 426 12.23 -9.58 -37.84
C GLN A 426 12.71 -9.91 -36.43
N ASN A 427 13.01 -8.90 -35.61
CA ASN A 427 13.51 -9.11 -34.25
C ASN A 427 12.43 -8.86 -33.20
N LEU A 428 11.17 -8.80 -33.61
CA LEU A 428 10.08 -8.59 -32.67
C LEU A 428 9.84 -9.87 -31.87
N GLN A 429 9.99 -9.78 -30.55
CA GLN A 429 9.94 -10.97 -29.69
C GLN A 429 8.54 -11.21 -29.14
N VAL A 430 8.00 -10.24 -28.40
CA VAL A 430 6.73 -10.40 -27.70
C VAL A 430 5.86 -9.18 -27.97
N ILE A 431 4.57 -9.42 -28.18
CA ILE A 431 3.57 -8.37 -28.31
C ILE A 431 2.64 -8.47 -27.11
N ARG A 432 2.60 -7.40 -26.30
CA ARG A 432 1.78 -7.43 -25.10
C ARG A 432 0.30 -7.27 -25.45
N GLY A 433 -0.03 -6.26 -26.26
CA GLY A 433 -1.40 -6.08 -26.69
C GLY A 433 -2.33 -5.51 -25.64
N ARG A 434 -1.82 -4.60 -24.79
CA ARG A 434 -2.69 -3.97 -23.81
C ARG A 434 -3.58 -2.92 -24.44
N ILE A 435 -3.14 -2.30 -25.52
CA ILE A 435 -3.96 -1.42 -26.35
C ILE A 435 -4.22 -2.16 -27.66
N LEU A 436 -5.49 -2.33 -28.00
CA LEU A 436 -5.90 -3.13 -29.15
C LEU A 436 -6.60 -2.28 -30.19
N HIS A 437 -6.45 -2.66 -31.45
CA HIS A 437 -7.19 -2.02 -32.53
C HIS A 437 -8.64 -2.49 -32.47
N ASN A 438 -9.55 -1.54 -32.22
CA ASN A 438 -10.98 -1.77 -32.00
C ASN A 438 -11.25 -2.73 -30.83
N GLY A 439 -10.34 -2.79 -29.87
CA GLY A 439 -10.50 -3.57 -28.66
C GLY A 439 -10.46 -5.07 -28.83
N ALA A 440 -10.22 -5.59 -30.04
CA ALA A 440 -10.35 -7.02 -30.30
C ALA A 440 -9.16 -7.65 -30.99
N TYR A 441 -8.36 -6.89 -31.74
CA TYR A 441 -7.28 -7.47 -32.52
C TYR A 441 -5.94 -6.83 -32.15
N SER A 442 -4.88 -7.63 -32.28
CA SER A 442 -3.52 -7.18 -32.03
C SER A 442 -2.63 -7.27 -33.26
N LEU A 443 -2.80 -8.30 -34.07
CA LEU A 443 -2.02 -8.51 -35.30
C LEU A 443 -3.00 -8.49 -36.47
N THR A 444 -3.08 -7.36 -37.16
CA THR A 444 -4.04 -7.17 -38.25
C THR A 444 -3.27 -6.84 -39.53
N LEU A 445 -3.57 -7.57 -40.60
CA LEU A 445 -2.95 -7.37 -41.90
C LEU A 445 -4.05 -7.20 -42.93
N GLN A 446 -4.12 -6.03 -43.56
CA GLN A 446 -5.22 -5.66 -44.44
C GLN A 446 -4.71 -5.23 -45.80
N GLY A 447 -5.11 -5.96 -46.84
CA GLY A 447 -4.87 -5.54 -48.22
C GLY A 447 -3.43 -5.51 -48.64
N LEU A 448 -2.58 -6.31 -48.02
CA LEU A 448 -1.15 -6.26 -48.27
C LEU A 448 -0.77 -7.16 -49.45
N GLY A 449 0.44 -6.93 -49.97
CA GLY A 449 1.01 -7.80 -50.97
C GLY A 449 2.04 -8.73 -50.35
N ILE A 450 1.86 -9.03 -49.07
CA ILE A 450 2.80 -9.87 -48.34
C ILE A 450 2.63 -11.32 -48.78
N SER A 451 3.75 -12.02 -48.93
CA SER A 451 3.77 -13.41 -49.39
C SER A 451 4.13 -14.39 -48.30
N TRP A 452 5.13 -14.10 -47.47
CA TRP A 452 5.38 -14.85 -46.25
C TRP A 452 5.59 -13.86 -45.11
N LEU A 453 5.30 -14.32 -43.88
CA LEU A 453 5.32 -13.44 -42.72
C LEU A 453 6.73 -13.03 -42.34
N GLY A 454 7.58 -14.01 -42.03
CA GLY A 454 8.93 -13.72 -41.63
C GLY A 454 9.13 -13.35 -40.17
N LEU A 455 8.08 -13.47 -39.35
CA LEU A 455 8.19 -13.18 -37.93
C LEU A 455 8.92 -14.32 -37.22
N ARG A 456 10.25 -14.25 -37.18
CA ARG A 456 11.06 -15.34 -36.66
C ARG A 456 11.00 -15.44 -35.15
N SER A 457 11.35 -14.35 -34.45
CA SER A 457 11.50 -14.35 -33.01
C SER A 457 10.18 -14.14 -32.27
N LEU A 458 9.05 -14.12 -32.97
CA LEU A 458 7.75 -13.96 -32.32
C LEU A 458 7.40 -15.24 -31.57
N ARG A 459 7.36 -15.16 -30.24
CA ARG A 459 7.13 -16.32 -29.41
C ARG A 459 5.94 -16.19 -28.47
N GLU A 460 5.33 -15.01 -28.35
CA GLU A 460 4.24 -14.81 -27.39
C GLU A 460 3.36 -13.66 -27.87
N LEU A 461 2.08 -13.94 -28.04
CA LEU A 461 1.07 -12.92 -28.32
C LEU A 461 0.19 -12.78 -27.09
N GLY A 462 0.19 -11.60 -26.48
CA GLY A 462 -0.48 -11.40 -25.22
C GLY A 462 -1.99 -11.40 -25.26
N SER A 463 -2.59 -10.39 -25.88
CA SER A 463 -4.04 -10.24 -25.91
C SER A 463 -4.51 -10.01 -27.34
N GLY A 464 -5.81 -9.88 -27.51
CA GLY A 464 -6.39 -9.66 -28.81
C GLY A 464 -6.43 -10.92 -29.65
N LEU A 465 -6.66 -10.73 -30.95
CA LEU A 465 -6.70 -11.83 -31.89
C LEU A 465 -5.77 -11.57 -33.06
N ALA A 466 -5.84 -12.43 -34.08
CA ALA A 466 -5.05 -12.28 -35.30
C ALA A 466 -5.98 -12.33 -36.49
N LEU A 467 -5.98 -11.26 -37.29
CA LEU A 467 -6.90 -11.11 -38.41
C LEU A 467 -6.11 -10.86 -39.68
N ILE A 468 -6.23 -11.76 -40.65
CA ILE A 468 -5.62 -11.62 -41.95
C ILE A 468 -6.72 -11.80 -42.98
N HIS A 469 -7.11 -10.71 -43.65
CA HIS A 469 -8.17 -10.76 -44.64
C HIS A 469 -7.81 -9.89 -45.83
N HIS A 470 -8.34 -10.29 -46.99
CA HIS A 470 -8.11 -9.64 -48.29
C HIS A 470 -6.62 -9.56 -48.64
N ASN A 471 -5.90 -10.62 -48.32
CA ASN A 471 -4.48 -10.75 -48.61
C ASN A 471 -4.31 -12.01 -49.47
N THR A 472 -4.44 -11.84 -50.78
CA THR A 472 -4.44 -12.96 -51.71
C THR A 472 -3.05 -13.48 -52.05
N HIS A 473 -1.99 -12.91 -51.47
CA HIS A 473 -0.63 -13.36 -51.72
C HIS A 473 -0.02 -14.12 -50.56
N LEU A 474 -0.58 -14.02 -49.36
CA LEU A 474 -0.04 -14.69 -48.19
C LEU A 474 -0.58 -16.12 -48.14
N CYS A 475 0.33 -17.09 -48.27
CA CYS A 475 -0.03 -18.51 -48.20
C CYS A 475 0.25 -19.13 -46.85
N PHE A 476 1.38 -18.79 -46.22
CA PHE A 476 1.80 -19.41 -44.98
C PHE A 476 1.07 -18.76 -43.79
N VAL A 477 -0.21 -19.12 -43.66
CA VAL A 477 -1.03 -18.63 -42.58
C VAL A 477 -1.43 -19.73 -41.60
N HIS A 478 -1.65 -20.96 -42.07
CA HIS A 478 -2.04 -22.07 -41.20
C HIS A 478 -0.85 -22.90 -40.72
N THR A 479 0.32 -22.74 -41.32
CA THR A 479 1.51 -23.44 -40.87
C THR A 479 2.14 -22.82 -39.64
N VAL A 480 1.74 -21.61 -39.28
CA VAL A 480 2.28 -20.94 -38.08
C VAL A 480 1.69 -21.60 -36.84
N PRO A 481 2.50 -21.98 -35.84
CA PRO A 481 1.93 -22.53 -34.61
C PRO A 481 1.25 -21.49 -33.74
N TRP A 482 0.01 -21.14 -34.08
CA TRP A 482 -0.72 -20.11 -33.34
C TRP A 482 -1.13 -20.57 -31.95
N ASP A 483 -1.21 -21.88 -31.71
CA ASP A 483 -1.60 -22.38 -30.40
C ASP A 483 -0.50 -22.18 -29.37
N GLN A 484 0.77 -22.22 -29.80
CA GLN A 484 1.88 -21.98 -28.90
C GLN A 484 2.18 -20.49 -28.73
N LEU A 485 1.57 -19.63 -29.54
CA LEU A 485 1.76 -18.18 -29.43
C LEU A 485 0.75 -17.53 -28.50
N PHE A 486 -0.19 -18.30 -27.95
CA PHE A 486 -1.28 -17.75 -27.17
C PHE A 486 -1.02 -17.91 -25.68
N ARG A 487 -1.61 -17.01 -24.88
CA ARG A 487 -1.53 -17.07 -23.43
C ARG A 487 -2.89 -17.06 -22.76
N ASN A 488 -3.97 -17.06 -23.51
CA ASN A 488 -5.33 -17.08 -22.97
C ASN A 488 -6.17 -18.07 -23.76
N PRO A 489 -7.12 -18.74 -23.10
CA PRO A 489 -7.99 -19.69 -23.83
C PRO A 489 -8.97 -19.03 -24.77
N HIS A 490 -9.18 -17.72 -24.69
CA HIS A 490 -10.12 -17.00 -25.54
C HIS A 490 -9.45 -16.40 -26.77
N GLN A 491 -8.37 -17.01 -27.26
CA GLN A 491 -7.62 -16.50 -28.41
C GLN A 491 -7.63 -17.55 -29.52
N ALA A 492 -7.86 -17.09 -30.75
CA ALA A 492 -7.94 -17.99 -31.89
C ALA A 492 -7.59 -17.23 -33.15
N LEU A 493 -7.29 -17.98 -34.21
CA LEU A 493 -6.97 -17.39 -35.50
C LEU A 493 -8.22 -17.18 -36.33
N LEU A 494 -8.30 -16.03 -37.00
CA LEU A 494 -9.41 -15.69 -37.90
C LEU A 494 -8.82 -15.38 -39.26
N HIS A 495 -8.76 -16.39 -40.13
CA HIS A 495 -8.22 -16.24 -41.47
C HIS A 495 -9.33 -16.45 -42.49
N THR A 496 -9.43 -15.52 -43.45
CA THR A 496 -10.40 -15.59 -44.54
C THR A 496 -9.90 -14.72 -45.67
N ALA A 497 -10.44 -14.99 -46.87
CA ALA A 497 -10.19 -14.21 -48.10
C ALA A 497 -8.71 -14.12 -48.45
N ASN A 498 -8.01 -15.24 -48.29
CA ASN A 498 -6.57 -15.30 -48.52
C ASN A 498 -6.27 -16.26 -49.66
N ARG A 499 -4.98 -16.53 -49.88
CA ARG A 499 -4.55 -17.43 -50.93
C ARG A 499 -4.94 -18.88 -50.59
N PRO A 500 -5.69 -19.57 -51.45
CA PRO A 500 -6.13 -20.93 -51.11
C PRO A 500 -5.02 -21.98 -51.24
N GLU A 501 -5.39 -23.24 -51.06
CA GLU A 501 -4.42 -24.33 -51.12
C GLU A 501 -4.00 -24.64 -52.56
N ASP A 502 -4.89 -24.41 -53.53
CA ASP A 502 -4.60 -24.79 -54.91
C ASP A 502 -3.52 -23.92 -55.54
N GLU A 503 -3.33 -22.71 -55.05
CA GLU A 503 -2.25 -21.85 -55.51
C GLU A 503 -0.96 -22.04 -54.72
N CYS A 504 -0.92 -23.02 -53.82
CA CYS A 504 0.25 -23.29 -53.01
C CYS A 504 0.83 -24.68 -53.21
N VAL A 505 0.15 -25.55 -53.94
CA VAL A 505 0.62 -26.91 -54.21
C VAL A 505 1.33 -26.99 -55.55
N GLY A 506 0.69 -26.51 -56.61
CA GLY A 506 1.31 -26.53 -57.93
C GLY A 506 2.45 -25.53 -58.07
N GLU A 507 2.41 -24.44 -57.29
CA GLU A 507 3.48 -23.45 -57.30
C GLU A 507 4.66 -23.85 -56.42
N GLY A 508 4.53 -24.90 -55.62
CA GLY A 508 5.61 -25.33 -54.76
C GLY A 508 5.82 -24.46 -53.54
N LEU A 509 4.75 -23.82 -53.04
CA LEU A 509 4.85 -22.95 -51.86
C LEU A 509 4.87 -23.81 -50.61
N ALA A 510 6.06 -24.34 -50.31
CA ALA A 510 6.27 -25.15 -49.13
C ALA A 510 7.75 -25.07 -48.75
N CYS A 511 8.02 -24.88 -47.47
CA CYS A 511 9.39 -24.72 -47.01
C CYS A 511 10.06 -26.09 -46.84
N HIS A 512 11.29 -26.07 -46.33
CA HIS A 512 12.10 -27.27 -46.22
C HIS A 512 11.64 -28.15 -45.08
N GLN A 513 12.28 -29.31 -44.94
CA GLN A 513 11.95 -30.27 -43.90
C GLN A 513 12.63 -29.97 -42.57
N LEU A 514 13.31 -28.83 -42.45
CA LEU A 514 14.01 -28.50 -41.21
C LEU A 514 13.02 -28.06 -40.13
N CYS A 515 11.96 -27.36 -40.52
CA CYS A 515 10.94 -26.95 -39.56
C CYS A 515 10.15 -28.17 -39.07
N ALA A 516 10.25 -28.44 -37.77
CA ALA A 516 9.63 -29.63 -37.19
C ALA A 516 8.15 -29.40 -36.95
N ARG A 517 7.38 -30.50 -37.09
CA ARG A 517 5.93 -30.56 -36.83
C ARG A 517 5.13 -29.61 -37.70
N GLY A 518 5.65 -29.25 -38.87
CA GLY A 518 4.95 -28.35 -39.77
C GLY A 518 4.93 -26.90 -39.33
N HIS A 519 5.64 -26.54 -38.27
CA HIS A 519 5.63 -25.17 -37.76
C HIS A 519 6.63 -24.34 -38.57
N CYS A 520 6.12 -23.67 -39.60
CA CYS A 520 6.96 -22.97 -40.56
C CYS A 520 6.45 -21.54 -40.73
N TRP A 521 7.38 -20.64 -41.04
CA TRP A 521 7.07 -19.22 -41.23
C TRP A 521 7.18 -18.81 -42.69
N GLY A 522 8.33 -19.03 -43.31
CA GLY A 522 8.55 -18.68 -44.70
C GLY A 522 9.29 -19.77 -45.44
N PRO A 523 9.42 -19.62 -46.76
CA PRO A 523 10.07 -20.67 -47.57
C PRO A 523 11.57 -20.76 -47.36
N GLY A 524 12.20 -19.76 -46.77
CA GLY A 524 13.62 -19.80 -46.48
C GLY A 524 13.92 -20.75 -45.34
N PRO A 525 15.14 -21.29 -45.31
CA PRO A 525 15.54 -22.22 -44.24
C PRO A 525 15.98 -21.55 -42.95
N THR A 526 15.72 -20.26 -42.77
CA THR A 526 16.15 -19.53 -41.58
C THR A 526 14.99 -19.13 -40.68
N GLN A 527 13.77 -19.59 -40.97
CA GLN A 527 12.57 -19.15 -40.26
C GLN A 527 11.80 -20.35 -39.71
N CYS A 528 12.51 -21.26 -39.03
CA CYS A 528 11.89 -22.32 -38.26
C CYS A 528 11.83 -21.89 -36.80
N VAL A 529 10.65 -22.03 -36.19
CA VAL A 529 10.51 -21.65 -34.78
C VAL A 529 11.12 -22.73 -33.88
N ASN A 530 11.15 -23.99 -34.31
CA ASN A 530 11.74 -25.06 -33.53
C ASN A 530 12.17 -26.15 -34.50
N CYS A 531 13.47 -26.23 -34.76
CA CYS A 531 14.03 -27.23 -35.66
C CYS A 531 14.85 -28.25 -34.86
N SER A 532 15.00 -29.44 -35.45
CA SER A 532 15.65 -30.56 -34.79
C SER A 532 17.17 -30.43 -34.75
N GLN A 533 17.75 -29.43 -35.42
CA GLN A 533 19.18 -29.22 -35.44
C GLN A 533 19.51 -27.89 -34.78
N PHE A 534 20.79 -27.50 -34.84
CA PHE A 534 21.26 -26.33 -34.13
C PHE A 534 21.08 -25.07 -34.99
N LEU A 535 21.60 -23.96 -34.49
CA LEU A 535 21.39 -22.64 -35.09
C LEU A 535 22.73 -22.03 -35.46
N ARG A 536 22.99 -21.89 -36.77
CA ARG A 536 24.18 -21.19 -37.26
C ARG A 536 23.74 -19.76 -37.60
N GLY A 537 23.82 -18.88 -36.60
CA GLY A 537 23.48 -17.48 -36.78
C GLY A 537 22.02 -17.23 -37.09
N GLN A 538 21.14 -17.67 -36.17
CA GLN A 538 19.68 -17.58 -36.31
C GLN A 538 19.19 -18.24 -37.60
N GLU A 539 19.72 -19.41 -37.90
CA GLU A 539 19.39 -20.13 -39.13
C GLU A 539 19.52 -21.63 -38.88
N CYS A 540 18.43 -22.35 -39.07
CA CYS A 540 18.46 -23.80 -38.94
C CYS A 540 19.15 -24.41 -40.16
N VAL A 541 20.15 -25.25 -39.90
CA VAL A 541 20.91 -25.91 -40.96
C VAL A 541 20.82 -27.41 -40.78
N GLU A 542 21.48 -28.17 -41.65
CA GLU A 542 21.40 -29.62 -41.60
C GLU A 542 22.38 -30.20 -40.60
N GLU A 543 23.66 -29.86 -40.73
CA GLU A 543 24.70 -30.41 -39.87
C GLU A 543 25.78 -29.37 -39.65
N CYS A 544 26.22 -29.24 -38.40
CA CYS A 544 27.34 -28.36 -38.08
C CYS A 544 28.64 -28.92 -38.66
N ARG A 545 29.47 -28.02 -39.19
CA ARG A 545 30.72 -28.40 -39.84
C ARG A 545 31.79 -28.60 -38.76
N VAL A 546 31.71 -29.74 -38.09
CA VAL A 546 32.67 -30.11 -37.06
C VAL A 546 33.63 -31.14 -37.65
N LEU A 547 33.09 -32.22 -38.20
CA LEU A 547 33.90 -33.23 -38.87
C LEU A 547 34.24 -32.86 -40.31
N GLN A 548 33.44 -32.00 -40.93
CA GLN A 548 33.70 -31.56 -42.30
C GLN A 548 33.76 -30.04 -42.37
N GLY A 549 33.81 -29.49 -43.59
CA GLY A 549 33.81 -28.06 -43.77
C GLY A 549 35.19 -27.43 -43.65
N LEU A 550 35.43 -26.37 -44.41
CA LEU A 550 36.72 -25.68 -44.37
C LEU A 550 36.89 -24.78 -43.13
N PRO A 551 35.87 -24.08 -42.62
CA PRO A 551 35.98 -23.55 -41.26
C PRO A 551 35.48 -24.57 -40.24
N ARG A 552 35.73 -24.26 -38.97
CA ARG A 552 35.36 -25.13 -37.85
C ARG A 552 34.49 -24.36 -36.88
N GLU A 553 33.46 -25.02 -36.37
CA GLU A 553 32.50 -24.42 -35.45
C GLU A 553 32.32 -25.33 -34.24
N TYR A 554 32.22 -24.73 -33.05
CA TYR A 554 32.00 -25.50 -31.83
C TYR A 554 30.51 -25.74 -31.61
N VAL A 555 30.20 -26.82 -30.91
CA VAL A 555 28.84 -27.24 -30.68
C VAL A 555 28.31 -26.57 -29.41
N ASN A 556 27.27 -25.76 -29.56
CA ASN A 556 26.56 -25.18 -28.43
C ASN A 556 25.38 -26.09 -28.08
N ALA A 557 24.74 -25.81 -26.94
CA ALA A 557 23.60 -26.61 -26.50
C ALA A 557 22.38 -26.41 -27.38
N ARG A 558 22.19 -25.21 -27.93
CA ARG A 558 21.07 -24.94 -28.81
C ARG A 558 21.54 -24.32 -30.12
N HIS A 559 22.63 -23.58 -30.07
CA HIS A 559 23.15 -22.85 -31.21
C HIS A 559 24.29 -23.61 -31.88
N CYS A 560 24.94 -22.98 -32.86
CA CYS A 560 26.10 -23.56 -33.53
C CYS A 560 26.94 -22.38 -34.02
N LEU A 561 27.97 -22.03 -33.25
CA LEU A 561 28.73 -20.81 -33.48
C LEU A 561 30.17 -21.12 -33.87
N PRO A 562 30.81 -20.24 -34.64
CA PRO A 562 32.23 -20.46 -34.97
C PRO A 562 33.17 -19.87 -33.92
N CYS A 563 34.23 -20.62 -33.65
CA CYS A 563 35.28 -20.19 -32.73
C CYS A 563 36.38 -19.47 -33.53
N HIS A 564 37.56 -19.30 -32.92
CA HIS A 564 38.64 -18.55 -33.54
C HIS A 564 39.18 -19.29 -34.75
N PRO A 565 39.41 -18.60 -35.87
CA PRO A 565 39.73 -19.30 -37.14
C PRO A 565 41.11 -19.93 -37.19
N GLU A 566 42.03 -19.58 -36.30
CA GLU A 566 43.38 -20.10 -36.36
C GLU A 566 43.56 -21.41 -35.57
N CYS A 567 42.48 -22.14 -35.34
CA CYS A 567 42.55 -23.47 -34.76
C CYS A 567 42.77 -24.49 -35.86
N GLN A 568 43.63 -25.47 -35.60
CA GLN A 568 44.01 -26.43 -36.63
C GLN A 568 42.88 -27.42 -36.88
N PRO A 569 42.43 -27.59 -38.13
CA PRO A 569 41.32 -28.50 -38.41
C PRO A 569 41.73 -29.96 -38.22
N GLN A 570 41.00 -30.65 -37.34
CA GLN A 570 41.25 -32.07 -37.07
C GLN A 570 40.44 -32.90 -38.06
N ASN A 571 41.13 -33.64 -38.91
CA ASN A 571 40.50 -34.45 -39.94
C ASN A 571 39.95 -35.72 -39.30
N GLY A 572 38.65 -35.76 -39.07
CA GLY A 572 38.02 -36.93 -38.50
C GLY A 572 37.92 -36.96 -36.99
N SER A 573 37.85 -35.79 -36.35
CA SER A 573 37.74 -35.72 -34.89
C SER A 573 37.06 -34.41 -34.52
N VAL A 574 36.76 -34.28 -33.23
CA VAL A 574 36.17 -33.05 -32.70
C VAL A 574 37.26 -31.99 -32.67
N THR A 575 37.12 -30.96 -33.51
CA THR A 575 38.18 -29.98 -33.68
C THR A 575 38.15 -28.92 -32.58
N CYS A 576 37.05 -28.17 -32.50
CA CYS A 576 36.97 -27.01 -31.62
C CYS A 576 35.96 -27.26 -30.51
N PHE A 577 36.26 -26.70 -29.33
CA PHE A 577 35.41 -26.87 -28.15
C PHE A 577 34.81 -25.56 -27.68
N GLY A 578 35.63 -24.53 -27.46
CA GLY A 578 35.14 -23.26 -26.98
C GLY A 578 35.62 -22.11 -27.83
N PRO A 579 35.17 -20.88 -27.49
CA PRO A 579 35.58 -19.72 -28.29
C PRO A 579 37.04 -19.32 -28.08
N GLU A 580 37.58 -19.53 -26.89
CA GLU A 580 38.99 -19.23 -26.65
C GLU A 580 39.86 -20.32 -27.25
N ALA A 581 40.97 -19.91 -27.86
CA ALA A 581 41.82 -20.82 -28.64
C ALA A 581 42.66 -21.76 -27.78
N ASP A 582 42.61 -21.65 -26.45
CA ASP A 582 43.41 -22.53 -25.60
C ASP A 582 42.84 -23.95 -25.50
N GLN A 583 41.56 -24.13 -25.83
CA GLN A 583 40.91 -25.42 -25.71
C GLN A 583 41.06 -26.30 -26.95
N CYS A 584 41.76 -25.82 -27.97
CA CYS A 584 42.08 -26.65 -29.12
C CYS A 584 43.22 -27.60 -28.78
N VAL A 585 43.17 -28.80 -29.37
CA VAL A 585 44.27 -29.74 -29.21
C VAL A 585 45.47 -29.34 -30.06
N ALA A 586 45.25 -28.55 -31.10
CA ALA A 586 46.31 -28.01 -31.95
C ALA A 586 45.78 -26.79 -32.67
N CYS A 587 46.67 -25.83 -32.92
CA CYS A 587 46.33 -24.63 -33.67
C CYS A 587 47.28 -24.48 -34.85
N ALA A 588 47.15 -23.36 -35.57
CA ALA A 588 47.70 -23.27 -36.92
C ALA A 588 49.20 -22.97 -36.93
N HIS A 589 49.60 -21.80 -36.43
CA HIS A 589 50.95 -21.31 -36.63
C HIS A 589 51.77 -21.23 -35.35
N TYR A 590 51.30 -20.49 -34.35
CA TYR A 590 52.09 -20.21 -33.16
C TYR A 590 51.40 -20.80 -31.93
N LYS A 591 52.19 -21.42 -31.07
CA LYS A 591 51.69 -22.08 -29.86
C LYS A 591 52.05 -21.23 -28.65
N ASP A 592 51.04 -20.56 -28.08
CA ASP A 592 51.18 -19.77 -26.88
C ASP A 592 50.17 -20.25 -25.84
N PRO A 593 50.48 -20.11 -24.55
CA PRO A 593 49.55 -20.59 -23.50
C PRO A 593 48.20 -19.88 -23.46
N PRO A 594 48.08 -18.50 -23.64
CA PRO A 594 46.71 -17.95 -23.61
C PRO A 594 45.87 -18.30 -24.83
N PHE A 595 46.41 -18.14 -26.03
CA PHE A 595 45.69 -18.42 -27.27
C PHE A 595 46.72 -18.68 -28.36
N CYS A 596 46.27 -18.72 -29.62
CA CYS A 596 47.14 -18.89 -30.77
C CYS A 596 46.96 -17.72 -31.72
N VAL A 597 48.05 -17.03 -32.03
CA VAL A 597 48.03 -15.85 -32.89
C VAL A 597 48.77 -16.19 -34.17
N ALA A 598 48.36 -15.55 -35.27
CA ALA A 598 49.06 -15.75 -36.53
C ALA A 598 50.39 -15.00 -36.57
N ARG A 599 50.50 -13.91 -35.82
CA ARG A 599 51.74 -13.13 -35.78
C ARG A 599 52.29 -13.06 -34.35
N GLU B 27 -9.79 21.25 20.77
CA GLU B 27 -10.80 20.21 20.95
C GLU B 27 -10.15 18.84 21.05
N LYS B 28 -10.83 17.93 21.77
CA LYS B 28 -10.45 16.53 21.95
C LYS B 28 -9.05 16.39 22.55
N LYS B 29 -8.96 16.83 23.81
CA LYS B 29 -7.71 16.82 24.55
C LYS B 29 -7.20 15.40 24.75
N VAL B 30 -5.99 15.14 24.27
CA VAL B 30 -5.42 13.80 24.30
C VAL B 30 -4.97 13.47 25.72
N CYS B 31 -5.45 12.35 26.24
CA CYS B 31 -5.10 11.87 27.57
C CYS B 31 -4.12 10.72 27.42
N GLN B 32 -3.04 10.75 28.21
CA GLN B 32 -1.93 9.84 27.96
C GLN B 32 -2.23 8.42 28.42
N GLY B 33 -2.48 8.23 29.71
CA GLY B 33 -2.75 6.92 30.26
C GLY B 33 -1.55 6.36 31.01
N THR B 34 -1.80 5.26 31.71
CA THR B 34 -0.79 4.62 32.54
C THR B 34 -0.58 3.17 32.11
N SER B 35 0.55 2.61 32.55
CA SER B 35 0.94 1.23 32.27
C SER B 35 1.43 0.56 33.55
N ASN B 36 0.65 0.71 34.63
CA ASN B 36 1.03 0.28 35.97
C ASN B 36 -0.09 -0.58 36.57
N LYS B 37 -0.47 -1.64 35.82
CA LYS B 37 -1.60 -2.52 36.09
C LYS B 37 -1.63 -3.05 37.54
N LEU B 38 -2.73 -2.70 38.23
CA LEU B 38 -3.06 -2.97 39.62
C LEU B 38 -2.15 -2.29 40.64
N THR B 39 -1.10 -1.59 40.22
CA THR B 39 -0.03 -1.20 41.11
C THR B 39 -0.42 0.02 41.94
N GLN B 40 -0.29 -0.09 43.26
CA GLN B 40 -0.54 1.03 44.16
C GLN B 40 0.68 1.94 44.20
N LEU B 41 0.44 3.24 44.12
CA LEU B 41 1.50 4.25 44.09
C LEU B 41 1.53 4.92 45.47
N GLY B 42 2.50 4.53 46.29
CA GLY B 42 2.59 5.10 47.63
C GLY B 42 1.53 4.51 48.53
N THR B 43 0.86 5.37 49.29
CA THR B 43 -0.24 4.97 50.15
C THR B 43 -1.55 5.06 49.36
N PHE B 44 -2.68 4.97 50.07
CA PHE B 44 -3.97 5.12 49.42
C PHE B 44 -4.21 6.57 49.01
N GLU B 45 -3.89 7.51 49.91
CA GLU B 45 -4.06 8.93 49.59
C GLU B 45 -3.07 9.40 48.54
N ASP B 46 -1.85 8.85 48.54
CA ASP B 46 -0.86 9.21 47.54
C ASP B 46 -1.27 8.72 46.15
N HIS B 47 -1.80 7.49 46.06
CA HIS B 47 -2.30 7.00 44.78
C HIS B 47 -3.56 7.73 44.35
N PHE B 48 -4.39 8.17 45.31
CA PHE B 48 -5.56 8.96 44.98
C PHE B 48 -5.18 10.33 44.41
N LEU B 49 -4.19 10.98 45.01
CA LEU B 49 -3.71 12.25 44.47
C LEU B 49 -3.00 12.08 43.15
N SER B 50 -2.29 10.97 42.94
CA SER B 50 -1.65 10.71 41.66
C SER B 50 -2.70 10.42 40.57
N LEU B 51 -3.80 9.75 40.95
CA LEU B 51 -4.88 9.51 40.00
C LEU B 51 -5.64 10.79 39.68
N GLN B 52 -5.77 11.68 40.65
CA GLN B 52 -6.41 12.97 40.39
C GLN B 52 -5.52 13.86 39.54
N ARG B 53 -4.21 13.79 39.73
CA ARG B 53 -3.28 14.62 38.96
C ARG B 53 -3.09 14.09 37.54
N MET B 54 -3.11 12.77 37.35
CA MET B 54 -2.79 12.19 36.05
C MET B 54 -3.95 12.30 35.06
N PHE B 55 -5.17 12.04 35.51
CA PHE B 55 -6.32 11.91 34.62
C PHE B 55 -7.28 13.09 34.76
N ASN B 56 -6.75 14.31 34.89
CA ASN B 56 -7.57 15.50 35.05
C ASN B 56 -7.69 16.20 33.70
N ASN B 57 -8.94 16.47 33.30
CA ASN B 57 -9.30 17.21 32.09
C ASN B 57 -8.73 16.56 30.83
N CYS B 58 -9.18 15.33 30.57
CA CYS B 58 -8.75 14.60 29.39
C CYS B 58 -9.85 13.66 28.94
N GLU B 59 -9.96 13.48 27.62
CA GLU B 59 -11.10 12.77 27.03
C GLU B 59 -10.70 11.45 26.40
N VAL B 60 -9.77 11.46 25.45
CA VAL B 60 -9.38 10.25 24.73
C VAL B 60 -8.10 9.69 25.36
N VAL B 61 -8.22 8.51 25.96
CA VAL B 61 -7.12 7.90 26.72
C VAL B 61 -6.44 6.89 25.81
N LEU B 62 -5.17 7.19 25.46
CA LEU B 62 -4.41 6.26 24.63
C LEU B 62 -3.77 5.14 25.44
N GLY B 63 -3.63 5.33 26.75
CA GLY B 63 -3.05 4.30 27.60
C GLY B 63 -4.10 3.37 28.17
N ASN B 64 -4.14 3.23 29.49
CA ASN B 64 -5.05 2.31 30.16
C ASN B 64 -5.71 3.03 31.32
N LEU B 65 -7.03 3.14 31.28
CA LEU B 65 -7.81 3.70 32.40
C LEU B 65 -7.84 2.66 33.51
N GLU B 66 -7.01 2.86 34.53
CA GLU B 66 -6.86 1.92 35.64
C GLU B 66 -7.29 2.61 36.92
N ILE B 67 -8.53 2.37 37.32
CA ILE B 67 -9.12 2.99 38.51
C ILE B 67 -8.95 1.99 39.65
N THR B 68 -7.89 2.16 40.44
CA THR B 68 -7.57 1.26 41.53
C THR B 68 -7.38 2.04 42.82
N TYR B 69 -7.68 1.36 43.94
CA TYR B 69 -7.40 1.82 45.31
C TYR B 69 -8.08 3.15 45.63
N VAL B 70 -9.40 3.13 45.59
CA VAL B 70 -10.23 4.29 45.94
C VAL B 70 -11.04 3.91 47.17
N GLN B 71 -10.92 4.71 48.24
CA GLN B 71 -11.59 4.42 49.49
C GLN B 71 -13.03 4.95 49.46
N ARG B 72 -13.67 4.97 50.63
CA ARG B 72 -15.11 5.18 50.70
C ARG B 72 -15.50 6.64 50.50
N ASN B 73 -14.84 7.55 51.22
CA ASN B 73 -15.30 8.94 51.31
C ASN B 73 -14.51 9.87 50.41
N TYR B 74 -14.14 9.43 49.22
CA TYR B 74 -13.42 10.26 48.26
C TYR B 74 -14.27 10.51 47.01
N ASP B 75 -13.85 11.50 46.24
CA ASP B 75 -14.60 11.97 45.08
C ASP B 75 -13.91 11.52 43.80
N LEU B 76 -14.69 11.15 42.81
CA LEU B 76 -14.21 10.75 41.49
C LEU B 76 -14.95 11.52 40.39
N SER B 77 -15.14 12.82 40.59
CA SER B 77 -15.88 13.63 39.63
C SER B 77 -15.08 13.96 38.37
N PHE B 78 -13.76 13.77 38.39
CA PHE B 78 -12.94 14.04 37.23
C PHE B 78 -13.03 12.95 36.15
N LEU B 79 -13.66 11.82 36.47
CA LEU B 79 -13.79 10.72 35.52
C LEU B 79 -14.96 10.88 34.57
N LYS B 80 -15.75 11.96 34.72
CA LYS B 80 -16.90 12.18 33.85
C LYS B 80 -16.50 12.65 32.45
N THR B 81 -15.35 13.31 32.34
CA THR B 81 -14.96 13.92 31.07
C THR B 81 -14.29 12.93 30.11
N ILE B 82 -13.97 11.71 30.56
CA ILE B 82 -13.30 10.74 29.71
C ILE B 82 -14.31 10.17 28.73
N GLN B 83 -14.03 10.31 27.43
CA GLN B 83 -14.94 9.87 26.39
C GLN B 83 -14.64 8.46 25.90
N GLU B 84 -13.37 8.18 25.58
CA GLU B 84 -13.01 6.88 25.06
C GLU B 84 -11.62 6.49 25.57
N VAL B 85 -11.40 5.18 25.70
CA VAL B 85 -10.14 4.62 26.17
C VAL B 85 -9.63 3.65 25.10
N ALA B 86 -8.41 3.88 24.63
CA ALA B 86 -7.85 3.03 23.58
C ALA B 86 -7.42 1.67 24.10
N GLY B 87 -7.06 1.58 25.38
CA GLY B 87 -6.61 0.34 25.98
C GLY B 87 -7.73 -0.39 26.70
N TYR B 88 -7.37 -1.05 27.80
CA TYR B 88 -8.33 -1.80 28.60
C TYR B 88 -8.66 -1.04 29.88
N VAL B 89 -9.92 -1.08 30.26
CA VAL B 89 -10.38 -0.45 31.50
C VAL B 89 -10.20 -1.45 32.63
N LEU B 90 -9.45 -1.06 33.66
CA LEU B 90 -9.05 -1.95 34.74
C LEU B 90 -9.54 -1.37 36.07
N ILE B 91 -10.71 -1.84 36.51
CA ILE B 91 -11.29 -1.43 37.78
C ILE B 91 -11.08 -2.56 38.78
N ALA B 92 -10.31 -2.28 39.84
CA ALA B 92 -9.99 -3.33 40.80
C ALA B 92 -9.68 -2.70 42.16
N LEU B 93 -10.17 -3.35 43.22
CA LEU B 93 -9.87 -3.03 44.62
C LEU B 93 -10.32 -1.61 44.98
N ASN B 94 -11.63 -1.38 44.85
CA ASN B 94 -12.21 -0.09 45.16
C ASN B 94 -13.26 -0.24 46.26
N THR B 95 -13.44 0.84 47.02
CA THR B 95 -14.38 0.87 48.15
C THR B 95 -15.50 1.87 47.94
N VAL B 96 -15.33 2.82 47.01
CA VAL B 96 -16.32 3.88 46.77
C VAL B 96 -17.58 3.28 46.16
N GLU B 97 -18.73 3.88 46.50
CA GLU B 97 -20.03 3.38 46.08
C GLU B 97 -20.40 3.79 44.66
N ARG B 98 -19.64 4.69 44.05
CA ARG B 98 -19.98 5.18 42.71
C ARG B 98 -18.70 5.65 42.01
N ILE B 99 -18.44 5.10 40.83
CA ILE B 99 -17.38 5.56 39.95
C ILE B 99 -18.04 6.21 38.73
N PRO B 100 -18.02 7.54 38.62
CA PRO B 100 -18.75 8.19 37.51
C PRO B 100 -18.10 8.02 36.15
N LEU B 101 -18.22 6.82 35.57
CA LEU B 101 -17.83 6.59 34.19
C LEU B 101 -19.06 6.70 33.29
N GLU B 102 -19.61 7.91 33.25
CA GLU B 102 -20.88 8.13 32.57
C GLU B 102 -20.68 8.32 31.07
N ASN B 103 -19.77 9.20 30.67
CA ASN B 103 -19.58 9.55 29.27
C ASN B 103 -18.55 8.67 28.57
N LEU B 104 -18.25 7.49 29.12
CA LEU B 104 -17.34 6.54 28.47
C LEU B 104 -18.05 5.93 27.27
N GLN B 105 -17.70 6.38 26.07
CA GLN B 105 -18.44 6.00 24.87
C GLN B 105 -18.01 4.63 24.36
N ILE B 106 -16.74 4.49 23.98
CA ILE B 106 -16.27 3.29 23.30
C ILE B 106 -14.92 2.88 23.90
N ILE B 107 -14.71 1.57 24.04
CA ILE B 107 -13.45 1.01 24.47
C ILE B 107 -12.82 0.34 23.26
N ARG B 108 -11.68 0.85 22.81
CA ARG B 108 -11.03 0.30 21.62
C ARG B 108 -10.36 -1.03 21.93
N GLY B 109 -9.56 -1.07 23.00
CA GLY B 109 -8.91 -2.29 23.41
C GLY B 109 -7.64 -2.60 22.65
N ASN B 110 -6.69 -1.66 22.67
CA ASN B 110 -5.40 -1.87 22.03
C ASN B 110 -4.42 -2.61 22.93
N MET B 111 -4.81 -2.97 24.15
CA MET B 111 -3.96 -3.71 25.06
C MET B 111 -4.85 -4.65 25.88
N TYR B 112 -4.35 -5.86 26.12
CA TYR B 112 -5.10 -6.89 26.82
C TYR B 112 -4.46 -7.16 28.18
N TYR B 113 -5.29 -7.62 29.13
CA TYR B 113 -4.81 -8.00 30.45
C TYR B 113 -4.52 -9.49 30.55
N GLU B 114 -5.54 -10.33 30.32
CA GLU B 114 -5.39 -11.77 30.33
C GLU B 114 -5.47 -12.31 28.90
N ASN B 115 -4.89 -11.56 27.98
CA ASN B 115 -4.69 -11.83 26.55
C ASN B 115 -5.98 -11.90 25.73
N SER B 116 -7.16 -11.75 26.35
CA SER B 116 -8.40 -11.66 25.60
C SER B 116 -9.43 -10.72 26.21
N TYR B 117 -9.10 -10.01 27.29
CA TYR B 117 -10.09 -9.28 28.07
C TYR B 117 -9.84 -7.78 28.00
N ALA B 118 -10.93 -7.01 28.01
CA ALA B 118 -10.87 -5.56 28.00
C ALA B 118 -11.44 -4.93 29.25
N LEU B 119 -12.68 -5.25 29.61
CA LEU B 119 -13.34 -4.65 30.77
C LEU B 119 -13.32 -5.67 31.91
N ALA B 120 -12.46 -5.44 32.89
CA ALA B 120 -12.26 -6.36 34.00
C ALA B 120 -12.52 -5.62 35.31
N VAL B 121 -13.78 -5.63 35.74
CA VAL B 121 -14.14 -5.12 37.07
C VAL B 121 -14.07 -6.31 38.02
N LEU B 122 -12.98 -6.40 38.78
CA LEU B 122 -12.67 -7.59 39.56
C LEU B 122 -12.31 -7.19 40.99
N SER B 123 -12.91 -7.89 41.95
CA SER B 123 -12.56 -7.86 43.38
C SER B 123 -12.66 -6.45 43.98
N ASN B 124 -13.87 -5.92 44.00
CA ASN B 124 -14.17 -4.64 44.64
C ASN B 124 -15.04 -4.94 45.86
N TYR B 125 -14.40 -5.19 47.00
CA TYR B 125 -15.11 -5.53 48.22
C TYR B 125 -14.29 -5.09 49.43
N ASP B 126 -14.94 -5.12 50.59
CA ASP B 126 -14.35 -4.77 51.87
C ASP B 126 -14.58 -5.93 52.85
N ALA B 127 -14.15 -5.76 54.10
CA ALA B 127 -14.45 -6.72 55.15
C ALA B 127 -15.93 -6.73 55.49
N ASN B 128 -16.64 -5.63 55.25
CA ASN B 128 -18.09 -5.55 55.38
C ASN B 128 -18.79 -5.94 54.07
N LYS B 129 -18.01 -6.38 53.07
CA LYS B 129 -18.48 -6.73 51.72
C LYS B 129 -19.22 -5.56 51.06
N THR B 130 -18.71 -4.36 51.26
CA THR B 130 -19.27 -3.14 50.69
C THR B 130 -18.22 -2.51 49.78
N GLY B 131 -18.40 -2.66 48.48
CA GLY B 131 -17.48 -2.09 47.51
C GLY B 131 -18.16 -1.17 46.53
N LEU B 132 -18.02 -1.47 45.23
CA LEU B 132 -18.67 -0.68 44.19
C LEU B 132 -20.12 -1.11 44.06
N LYS B 133 -21.03 -0.27 44.56
CA LYS B 133 -22.45 -0.62 44.54
C LYS B 133 -23.05 -0.45 43.15
N GLU B 134 -22.85 0.71 42.53
CA GLU B 134 -23.39 0.97 41.21
C GLU B 134 -22.30 1.49 40.29
N LEU B 135 -22.44 1.20 38.99
CA LEU B 135 -21.50 1.67 37.98
C LEU B 135 -22.29 1.99 36.72
N PRO B 136 -22.84 3.22 36.61
CA PRO B 136 -23.65 3.57 35.43
C PRO B 136 -22.82 3.91 34.19
N MET B 137 -22.37 2.88 33.48
CA MET B 137 -21.69 3.06 32.21
C MET B 137 -22.75 3.22 31.12
N ARG B 138 -23.29 4.44 31.03
CA ARG B 138 -24.46 4.69 30.19
C ARG B 138 -24.10 4.73 28.70
N ASN B 139 -23.09 5.51 28.34
CA ASN B 139 -22.72 5.67 26.94
C ASN B 139 -21.87 4.53 26.40
N LEU B 140 -21.55 3.53 27.21
CA LEU B 140 -20.80 2.36 26.74
C LEU B 140 -21.71 1.50 25.87
N GLN B 141 -21.50 1.53 24.56
CA GLN B 141 -22.36 0.82 23.63
C GLN B 141 -21.66 -0.22 22.78
N GLU B 142 -20.33 -0.20 22.70
CA GLU B 142 -19.60 -1.16 21.88
C GLU B 142 -18.16 -1.24 22.36
N ILE B 143 -17.66 -2.46 22.49
CA ILE B 143 -16.24 -2.72 22.74
C ILE B 143 -15.71 -3.50 21.55
N LEU B 144 -14.73 -2.92 20.86
CA LEU B 144 -14.22 -3.53 19.63
C LEU B 144 -13.37 -4.76 19.92
N HIS B 145 -12.31 -4.59 20.71
CA HIS B 145 -11.36 -5.66 20.99
C HIS B 145 -11.35 -5.96 22.48
N GLY B 146 -11.29 -7.25 22.82
CA GLY B 146 -11.30 -7.71 24.18
C GLY B 146 -12.64 -8.30 24.57
N ALA B 147 -12.70 -8.74 25.83
CA ALA B 147 -13.92 -9.32 26.39
C ALA B 147 -14.11 -8.78 27.81
N VAL B 148 -15.20 -9.21 28.44
CA VAL B 148 -15.63 -8.70 29.73
C VAL B 148 -15.64 -9.84 30.74
N ARG B 149 -14.96 -9.64 31.88
CA ARG B 149 -14.97 -10.60 32.98
C ARG B 149 -15.33 -9.87 34.27
N PHE B 150 -16.45 -10.25 34.88
CA PHE B 150 -16.90 -9.71 36.16
C PHE B 150 -16.88 -10.81 37.20
N SER B 151 -16.19 -10.56 38.32
CA SER B 151 -16.12 -11.54 39.39
C SER B 151 -15.84 -10.82 40.71
N ASN B 152 -16.22 -11.50 41.79
CA ASN B 152 -15.99 -11.07 43.18
C ASN B 152 -16.62 -9.71 43.47
N ASN B 153 -17.95 -9.66 43.37
CA ASN B 153 -18.74 -8.47 43.66
C ASN B 153 -19.89 -8.85 44.58
N PRO B 154 -19.74 -8.67 45.90
CA PRO B 154 -20.84 -9.03 46.81
C PRO B 154 -22.02 -8.09 46.72
N ALA B 155 -21.78 -6.79 46.65
CA ALA B 155 -22.84 -5.78 46.54
C ALA B 155 -22.69 -5.07 45.20
N LEU B 156 -23.66 -5.26 44.32
CA LEU B 156 -23.58 -4.71 42.97
C LEU B 156 -24.99 -4.59 42.41
N CYS B 157 -25.40 -3.36 42.08
CA CYS B 157 -26.77 -3.09 41.65
C CYS B 157 -26.87 -3.15 40.13
N ASN B 158 -27.72 -4.05 39.63
CA ASN B 158 -28.27 -4.08 38.27
C ASN B 158 -27.24 -4.34 37.18
N VAL B 159 -25.99 -4.63 37.53
CA VAL B 159 -24.99 -4.97 36.52
C VAL B 159 -25.20 -6.41 36.05
N GLU B 160 -25.76 -7.27 36.91
CA GLU B 160 -26.05 -8.65 36.54
C GLU B 160 -27.17 -8.77 35.51
N SER B 161 -28.00 -7.73 35.35
CA SER B 161 -29.04 -7.72 34.34
C SER B 161 -28.55 -7.18 33.00
N ILE B 162 -27.36 -6.60 32.96
CA ILE B 162 -26.80 -6.07 31.72
C ILE B 162 -26.32 -7.22 30.85
N GLN B 163 -26.90 -7.35 29.66
CA GLN B 163 -26.43 -8.33 28.71
C GLN B 163 -25.14 -7.85 28.04
N TRP B 164 -24.35 -8.79 27.56
CA TRP B 164 -23.09 -8.47 26.90
C TRP B 164 -22.96 -9.08 25.52
N ARG B 165 -24.00 -9.75 25.02
CA ARG B 165 -24.05 -10.10 23.60
C ARG B 165 -24.26 -8.86 22.75
N ASP B 166 -24.95 -7.85 23.30
CA ASP B 166 -25.14 -6.59 22.61
C ASP B 166 -23.84 -5.82 22.46
N ILE B 167 -22.93 -5.93 23.43
CA ILE B 167 -21.68 -5.19 23.42
C ILE B 167 -20.61 -5.99 22.68
N VAL B 168 -20.29 -7.17 23.19
CA VAL B 168 -19.25 -8.01 22.62
C VAL B 168 -19.81 -8.71 21.38
N SER B 169 -19.06 -8.65 20.28
CA SER B 169 -19.49 -9.25 19.02
C SER B 169 -19.22 -10.77 19.07
N SER B 170 -19.44 -11.43 17.93
CA SER B 170 -19.28 -12.88 17.84
C SER B 170 -17.83 -13.33 17.71
N ASP B 171 -16.88 -12.40 17.67
CA ASP B 171 -15.48 -12.78 17.52
C ASP B 171 -14.90 -13.25 18.85
N PHE B 172 -15.17 -12.52 19.94
CA PHE B 172 -14.59 -12.81 21.24
C PHE B 172 -15.64 -13.31 22.24
N LEU B 173 -16.64 -14.03 21.75
CA LEU B 173 -17.71 -14.54 22.60
C LEU B 173 -17.30 -15.80 23.35
N SER B 174 -16.27 -16.50 22.88
CA SER B 174 -15.92 -17.79 23.47
C SER B 174 -15.19 -17.64 24.80
N ASN B 175 -14.24 -16.70 24.90
CA ASN B 175 -13.38 -16.64 26.07
C ASN B 175 -13.98 -15.86 27.23
N MET B 176 -15.11 -15.19 27.04
CA MET B 176 -15.68 -14.39 28.11
C MET B 176 -16.43 -15.26 29.11
N SER B 177 -16.40 -14.83 30.37
CA SER B 177 -17.05 -15.54 31.47
C SER B 177 -17.20 -14.58 32.64
N MET B 178 -18.34 -14.67 33.32
CA MET B 178 -18.60 -13.80 34.46
C MET B 178 -19.61 -14.46 35.39
N ASP B 179 -19.60 -14.01 36.64
CA ASP B 179 -20.54 -14.48 37.64
C ASP B 179 -20.93 -13.32 38.56
N PHE B 180 -22.06 -13.49 39.23
CA PHE B 180 -22.60 -12.46 40.11
C PHE B 180 -23.14 -13.12 41.37
N GLN B 181 -22.62 -12.73 42.52
CA GLN B 181 -23.05 -13.25 43.82
C GLN B 181 -23.54 -12.07 44.65
N ASN B 182 -24.82 -11.74 44.53
CA ASN B 182 -25.43 -10.64 45.28
C ASN B 182 -25.98 -11.20 46.58
N HIS B 183 -25.16 -11.15 47.63
CA HIS B 183 -25.53 -11.64 48.96
C HIS B 183 -25.76 -10.46 49.88
N LEU B 184 -27.02 -10.28 50.28
CA LEU B 184 -27.48 -9.20 51.19
C LEU B 184 -27.14 -7.82 50.63
N GLY B 185 -27.46 -7.62 49.35
CA GLY B 185 -27.18 -6.35 48.71
C GLY B 185 -28.14 -5.24 49.12
N SER B 186 -29.41 -5.59 49.37
CA SER B 186 -30.48 -4.66 49.77
C SER B 186 -30.67 -3.54 48.76
N CYS B 187 -30.66 -3.90 47.48
CA CYS B 187 -30.77 -2.94 46.39
C CYS B 187 -32.20 -2.92 45.85
N GLN B 188 -32.58 -1.79 45.27
CA GLN B 188 -33.96 -1.59 44.86
C GLN B 188 -34.20 -2.12 43.45
N LYS B 189 -35.44 -1.98 42.98
CA LYS B 189 -35.88 -2.59 41.74
C LYS B 189 -35.41 -1.76 40.53
N CYS B 190 -35.12 -2.46 39.43
CA CYS B 190 -34.75 -1.82 38.18
C CYS B 190 -35.94 -1.09 37.56
N ASP B 191 -35.65 -0.31 36.52
CA ASP B 191 -36.66 0.48 35.82
C ASP B 191 -37.31 -0.37 34.73
N PRO B 192 -38.61 -0.63 34.78
CA PRO B 192 -39.27 -1.40 33.73
C PRO B 192 -39.64 -0.61 32.48
N SER B 193 -39.17 0.63 32.35
CA SER B 193 -39.47 1.46 31.20
C SER B 193 -38.58 1.18 30.00
N CYS B 194 -37.54 0.35 30.18
CA CYS B 194 -36.63 -0.02 29.12
C CYS B 194 -36.74 -1.51 28.84
N PRO B 195 -36.60 -1.95 27.59
CA PRO B 195 -36.81 -3.37 27.26
C PRO B 195 -35.69 -4.25 27.76
N ASN B 196 -36.01 -5.54 27.89
CA ASN B 196 -35.14 -6.65 28.28
C ASN B 196 -34.59 -6.54 29.70
N GLY B 197 -35.08 -5.59 30.50
CA GLY B 197 -34.67 -5.48 31.88
C GLY B 197 -33.23 -5.08 32.13
N SER B 198 -32.55 -4.53 31.12
CA SER B 198 -31.13 -4.18 31.21
C SER B 198 -31.02 -2.71 31.56
N CYS B 199 -30.75 -2.42 32.84
CA CYS B 199 -30.53 -1.07 33.31
C CYS B 199 -29.20 -1.01 34.07
N TRP B 200 -28.49 0.10 33.92
CA TRP B 200 -27.22 0.25 34.61
C TRP B 200 -27.42 0.67 36.06
N GLY B 201 -28.09 1.79 36.27
CA GLY B 201 -28.44 2.27 37.59
C GLY B 201 -29.86 1.90 37.97
N ALA B 202 -30.57 2.85 38.57
CA ALA B 202 -31.96 2.63 38.96
C ALA B 202 -32.90 3.77 38.62
N GLY B 203 -32.39 4.96 38.27
CA GLY B 203 -33.22 6.09 37.96
C GLY B 203 -33.66 6.11 36.51
N GLU B 204 -34.21 7.25 36.09
CA GLU B 204 -34.65 7.41 34.72
C GLU B 204 -33.46 7.57 33.77
N GLU B 205 -33.71 7.22 32.50
CA GLU B 205 -32.77 7.15 31.37
C GLU B 205 -31.39 6.56 31.74
N ASN B 206 -31.40 5.53 32.58
CA ASN B 206 -30.19 4.90 33.08
C ASN B 206 -30.09 3.45 32.61
N CYS B 207 -30.68 3.15 31.45
CA CYS B 207 -30.69 1.80 30.92
C CYS B 207 -29.77 1.69 29.71
N GLN B 208 -29.51 0.45 29.33
CA GLN B 208 -28.57 0.16 28.25
C GLN B 208 -29.19 0.47 26.89
N LYS B 209 -28.51 1.32 26.12
CA LYS B 209 -28.95 1.65 24.76
C LYS B 209 -28.48 0.53 23.83
N LEU B 210 -29.27 -0.55 23.82
CA LEU B 210 -28.94 -1.73 23.04
C LEU B 210 -29.20 -1.48 21.56
N THR B 211 -28.23 -1.84 20.72
CA THR B 211 -28.28 -1.54 19.29
C THR B 211 -28.04 -2.77 18.41
N LYS B 212 -28.06 -3.98 18.95
CA LYS B 212 -27.70 -5.16 18.17
C LYS B 212 -28.84 -6.15 17.98
N ILE B 213 -29.49 -6.58 19.07
CA ILE B 213 -30.45 -7.66 18.94
C ILE B 213 -31.80 -7.16 18.43
N ILE B 214 -32.23 -5.98 18.87
CA ILE B 214 -33.41 -5.32 18.27
C ILE B 214 -32.88 -4.41 17.16
N CYS B 215 -32.58 -5.03 16.02
CA CYS B 215 -31.99 -4.35 14.88
C CYS B 215 -32.13 -5.25 13.66
N ALA B 216 -32.13 -4.62 12.49
CA ALA B 216 -32.24 -5.38 11.25
C ALA B 216 -30.88 -5.94 10.85
N GLN B 217 -30.92 -7.12 10.21
CA GLN B 217 -29.72 -7.76 9.69
C GLN B 217 -29.40 -7.36 8.26
N GLN B 218 -29.92 -6.23 7.81
CA GLN B 218 -29.68 -5.72 6.46
C GLN B 218 -28.40 -4.91 6.35
N CYS B 219 -27.65 -4.77 7.45
CA CYS B 219 -26.39 -4.05 7.44
C CYS B 219 -25.55 -4.54 8.61
N SER B 220 -24.24 -4.63 8.41
CA SER B 220 -23.33 -5.15 9.43
C SER B 220 -23.00 -4.13 10.51
N GLY B 221 -23.27 -2.85 10.28
CA GLY B 221 -22.97 -1.83 11.26
C GLY B 221 -24.04 -1.72 12.33
N ARG B 222 -23.90 -0.68 13.15
CA ARG B 222 -24.84 -0.43 14.22
C ARG B 222 -26.07 0.28 13.67
N CYS B 223 -27.05 0.51 14.55
CA CYS B 223 -28.30 1.15 14.16
C CYS B 223 -28.85 1.95 15.33
N ARG B 224 -29.49 3.07 15.01
CA ARG B 224 -30.05 3.94 16.03
C ARG B 224 -31.52 3.66 16.32
N GLY B 225 -32.20 2.93 15.44
CA GLY B 225 -33.60 2.62 15.62
C GLY B 225 -33.93 1.24 15.09
N LYS B 226 -35.21 0.89 15.17
CA LYS B 226 -35.70 -0.40 14.70
C LYS B 226 -36.03 -0.40 13.21
N SER B 227 -35.85 0.73 12.52
CA SER B 227 -36.10 0.80 11.10
C SER B 227 -34.98 0.09 10.32
N PRO B 228 -35.33 -0.71 9.32
CA PRO B 228 -34.28 -1.43 8.57
C PRO B 228 -33.42 -0.54 7.69
N SER B 229 -33.95 0.61 7.24
CA SER B 229 -33.24 1.49 6.34
C SER B 229 -32.63 2.70 7.04
N ASP B 230 -32.47 2.64 8.35
CA ASP B 230 -31.96 3.75 9.14
C ASP B 230 -30.84 3.29 10.06
N CYS B 231 -29.88 2.56 9.51
CA CYS B 231 -28.73 2.11 10.27
C CYS B 231 -27.48 2.90 9.85
N CYS B 232 -26.37 2.61 10.51
CA CYS B 232 -25.19 3.47 10.46
C CYS B 232 -24.24 3.08 9.34
N HIS B 233 -23.17 3.85 9.22
CA HIS B 233 -22.11 3.61 8.25
C HIS B 233 -21.27 2.42 8.70
N ASN B 234 -20.53 1.84 7.74
CA ASN B 234 -19.69 0.68 8.02
C ASN B 234 -18.56 1.00 8.98
N GLN B 235 -18.03 2.23 8.93
CA GLN B 235 -16.94 2.65 9.79
C GLN B 235 -17.42 3.40 11.03
N CYS B 236 -18.73 3.52 11.22
CA CYS B 236 -19.29 4.11 12.43
C CYS B 236 -19.55 3.02 13.45
N ALA B 237 -18.85 3.11 14.59
CA ALA B 237 -19.03 2.20 15.70
C ALA B 237 -19.75 2.90 16.84
N ALA B 238 -20.38 2.10 17.71
CA ALA B 238 -21.15 2.54 18.88
C ALA B 238 -22.26 3.50 18.50
N GLY B 239 -22.98 3.18 17.43
CA GLY B 239 -24.13 3.97 17.02
C GLY B 239 -23.74 5.23 16.28
N CYS B 240 -24.77 5.91 15.75
CA CYS B 240 -24.59 7.15 15.03
C CYS B 240 -25.85 7.99 15.17
N THR B 241 -25.80 9.20 14.63
CA THR B 241 -26.91 10.14 14.65
C THR B 241 -27.34 10.53 13.24
N GLY B 242 -27.32 9.56 12.32
CA GLY B 242 -27.73 9.81 10.96
C GLY B 242 -27.01 8.92 9.96
N PRO B 243 -27.59 8.75 8.77
CA PRO B 243 -26.94 7.94 7.75
C PRO B 243 -25.72 8.61 7.12
N ARG B 244 -25.61 9.92 7.21
CA ARG B 244 -24.43 10.63 6.72
C ARG B 244 -23.24 10.34 7.62
N GLU B 245 -22.05 10.25 7.00
CA GLU B 245 -20.85 9.90 7.74
C GLU B 245 -20.37 11.02 8.65
N SER B 246 -20.83 12.25 8.46
CA SER B 246 -20.49 13.32 9.37
C SER B 246 -21.26 13.20 10.69
N ASP B 247 -22.55 12.87 10.60
CA ASP B 247 -23.37 12.63 11.79
C ASP B 247 -23.02 11.24 12.33
N CYS B 248 -21.94 11.20 13.10
CA CYS B 248 -21.38 9.94 13.59
C CYS B 248 -20.58 10.23 14.86
N LEU B 249 -20.71 9.35 15.85
CA LEU B 249 -20.07 9.59 17.13
C LEU B 249 -18.57 9.35 17.07
N VAL B 250 -18.15 8.11 16.82
CA VAL B 250 -16.75 7.75 16.71
C VAL B 250 -16.55 6.90 15.46
N CYS B 251 -15.29 6.86 15.01
CA CYS B 251 -14.92 6.04 13.87
C CYS B 251 -14.40 4.69 14.37
N ARG B 252 -14.53 3.67 13.51
CA ARG B 252 -14.17 2.32 13.93
C ARG B 252 -12.66 2.11 13.91
N LYS B 253 -12.05 2.22 12.74
CA LYS B 253 -10.62 1.95 12.59
C LYS B 253 -9.82 3.21 12.30
N PHE B 254 -10.14 3.94 11.23
CA PHE B 254 -9.44 5.16 10.87
C PHE B 254 -10.40 6.33 10.94
N ARG B 255 -9.92 7.47 11.43
CA ARG B 255 -10.74 8.64 11.65
C ARG B 255 -10.43 9.71 10.61
N ASP B 256 -11.47 10.29 10.04
CA ASP B 256 -11.37 11.44 9.16
C ASP B 256 -11.80 12.70 9.94
N GLU B 257 -11.47 13.87 9.40
CA GLU B 257 -11.82 15.13 10.03
C GLU B 257 -13.33 15.33 9.96
N ALA B 258 -13.99 15.15 11.12
CA ALA B 258 -15.43 15.29 11.37
C ALA B 258 -16.29 14.29 10.59
N THR B 259 -15.67 13.30 9.92
CA THR B 259 -16.38 12.22 9.23
C THR B 259 -15.67 10.92 9.57
N CYS B 260 -16.23 9.82 9.08
CA CYS B 260 -15.63 8.50 9.25
C CYS B 260 -15.52 7.81 7.90
N LYS B 261 -14.30 7.44 7.54
CA LYS B 261 -14.02 6.70 6.31
C LYS B 261 -13.24 5.44 6.65
N ASP B 262 -13.01 4.62 5.63
CA ASP B 262 -12.21 3.41 5.81
C ASP B 262 -10.72 3.72 5.74
N THR B 263 -10.30 4.48 4.73
CA THR B 263 -8.91 4.91 4.60
C THR B 263 -8.91 6.23 3.84
N CYS B 264 -8.34 7.27 4.44
CA CYS B 264 -8.24 8.56 3.76
C CYS B 264 -7.22 8.49 2.64
N PRO B 265 -7.55 8.96 1.44
CA PRO B 265 -6.70 8.70 0.26
C PRO B 265 -5.42 9.51 0.27
N PRO B 266 -4.39 9.07 -0.48
CA PRO B 266 -3.16 9.88 -0.57
C PRO B 266 -3.31 11.13 -1.43
N LEU B 267 -2.18 11.81 -1.67
CA LEU B 267 -2.21 13.07 -2.41
C LEU B 267 -2.48 12.83 -3.89
N MET B 268 -1.59 12.09 -4.55
CA MET B 268 -1.61 11.95 -6.01
C MET B 268 -2.49 10.75 -6.38
N LEU B 269 -3.72 11.04 -6.79
CA LEU B 269 -4.66 10.01 -7.21
C LEU B 269 -4.64 9.87 -8.73
N TYR B 270 -5.57 9.09 -9.28
CA TYR B 270 -5.64 8.87 -10.71
C TYR B 270 -6.42 10.00 -11.38
N ASN B 271 -6.57 9.90 -12.70
CA ASN B 271 -7.27 10.91 -13.49
C ASN B 271 -7.84 10.26 -14.75
N PRO B 272 -9.16 10.26 -14.93
CA PRO B 272 -9.73 9.71 -16.17
C PRO B 272 -9.64 10.65 -17.36
N THR B 273 -9.21 11.90 -17.17
CA THR B 273 -9.16 12.87 -18.27
C THR B 273 -7.77 12.91 -18.92
N THR B 274 -6.74 13.19 -18.14
CA THR B 274 -5.39 13.34 -18.66
C THR B 274 -4.55 12.07 -18.52
N TYR B 275 -5.07 11.04 -17.84
CA TYR B 275 -4.39 9.76 -17.59
C TYR B 275 -3.06 9.95 -16.87
N GLN B 276 -3.03 10.88 -15.92
CA GLN B 276 -1.83 11.18 -15.15
C GLN B 276 -2.15 11.28 -13.67
N MET B 277 -1.21 11.77 -12.88
CA MET B 277 -1.43 11.95 -11.44
C MET B 277 -2.18 13.25 -11.19
N ASP B 278 -3.24 13.17 -10.40
CA ASP B 278 -4.10 14.30 -10.10
C ASP B 278 -4.08 14.58 -8.60
N VAL B 279 -4.28 15.85 -8.24
CA VAL B 279 -4.24 16.24 -6.83
C VAL B 279 -5.50 15.74 -6.12
N ASN B 280 -5.42 15.68 -4.80
CA ASN B 280 -6.49 15.14 -3.98
C ASN B 280 -7.64 16.15 -3.82
N PRO B 281 -8.89 15.68 -3.93
CA PRO B 281 -10.00 16.57 -3.58
C PRO B 281 -10.23 16.66 -2.08
N GLU B 282 -10.05 15.54 -1.37
CA GLU B 282 -10.23 15.51 0.09
C GLU B 282 -9.18 14.63 0.78
N GLY B 283 -8.10 14.28 0.09
CA GLY B 283 -7.16 13.31 0.63
C GLY B 283 -6.19 13.92 1.64
N LYS B 284 -5.85 13.12 2.65
CA LYS B 284 -4.92 13.51 3.69
C LYS B 284 -3.97 12.36 3.97
N TYR B 285 -2.93 12.64 4.76
CA TYR B 285 -2.02 11.59 5.22
C TYR B 285 -2.69 10.76 6.32
N SER B 286 -2.02 9.69 6.72
CA SER B 286 -2.54 8.77 7.74
C SER B 286 -1.54 8.68 8.89
N PHE B 287 -1.81 9.38 9.98
CA PHE B 287 -1.02 9.32 11.21
C PHE B 287 -1.91 8.72 12.30
N GLY B 288 -1.80 7.41 12.49
CA GLY B 288 -2.57 6.74 13.51
C GLY B 288 -4.03 6.56 13.15
N ALA B 289 -4.92 6.83 14.11
CA ALA B 289 -6.35 6.72 13.84
C ALA B 289 -6.84 7.90 13.01
N THR B 290 -6.46 9.11 13.39
CA THR B 290 -6.90 10.30 12.67
C THR B 290 -6.08 10.48 11.39
N CYS B 291 -6.59 11.34 10.51
CA CYS B 291 -5.92 11.69 9.26
C CYS B 291 -5.52 13.16 9.31
N VAL B 292 -4.23 13.41 9.30
CA VAL B 292 -3.71 14.77 9.30
C VAL B 292 -3.21 15.10 7.90
N LYS B 293 -2.92 16.38 7.66
CA LYS B 293 -2.51 16.80 6.33
C LYS B 293 -1.01 16.65 6.11
N LYS B 294 -0.21 16.73 7.17
CA LYS B 294 1.25 16.67 7.03
C LYS B 294 1.82 15.79 8.12
N CYS B 295 2.75 14.91 7.75
CA CYS B 295 3.48 14.13 8.72
C CYS B 295 4.43 15.04 9.50
N PRO B 296 4.71 14.72 10.76
CA PRO B 296 5.75 15.45 11.50
C PRO B 296 7.13 15.15 10.95
N ARG B 297 8.10 15.98 11.36
CA ARG B 297 9.41 15.99 10.74
C ARG B 297 10.28 14.80 11.10
N ASN B 298 9.87 13.97 12.06
CA ASN B 298 10.65 12.80 12.46
C ASN B 298 10.03 11.47 12.07
N TYR B 299 8.90 11.48 11.36
CA TYR B 299 8.30 10.23 10.90
C TYR B 299 8.62 9.98 9.44
N VAL B 300 8.30 8.77 8.97
CA VAL B 300 8.67 8.30 7.64
C VAL B 300 7.43 8.35 6.75
N VAL B 301 7.55 8.98 5.60
CA VAL B 301 6.49 9.02 4.60
C VAL B 301 6.69 7.86 3.65
N THR B 302 5.68 6.99 3.54
CA THR B 302 5.74 5.81 2.68
C THR B 302 4.99 6.06 1.37
N ASP B 303 5.01 5.05 0.50
CA ASP B 303 4.34 5.15 -0.78
C ASP B 303 2.82 5.08 -0.67
N HIS B 304 2.31 4.53 0.43
CA HIS B 304 0.87 4.42 0.65
C HIS B 304 0.27 5.66 1.28
N GLY B 305 1.08 6.67 1.60
CA GLY B 305 0.57 7.90 2.17
C GLY B 305 0.17 7.80 3.62
N SER B 306 0.97 7.12 4.44
CA SER B 306 0.69 6.96 5.86
C SER B 306 1.93 7.33 6.66
N CYS B 307 1.73 8.13 7.72
CA CYS B 307 2.82 8.56 8.59
C CYS B 307 3.19 7.38 9.49
N VAL B 308 4.28 6.70 9.17
CA VAL B 308 4.69 5.51 9.91
C VAL B 308 5.91 5.84 10.77
N ARG B 309 6.09 5.04 11.82
CA ARG B 309 7.29 5.17 12.65
C ARG B 309 8.47 4.43 12.02
N ALA B 310 8.34 3.12 11.87
CA ALA B 310 9.39 2.29 11.28
C ALA B 310 8.89 1.73 9.95
N CYS B 311 9.78 1.68 8.97
CA CYS B 311 9.44 1.20 7.64
C CYS B 311 9.58 -0.32 7.60
N GLY B 312 9.57 -0.90 6.41
CA GLY B 312 9.61 -2.34 6.24
C GLY B 312 10.97 -2.94 6.60
N ALA B 313 11.02 -4.27 6.54
CA ALA B 313 12.24 -4.99 6.90
C ALA B 313 13.30 -4.84 5.82
N ASP B 314 12.91 -5.05 4.56
CA ASP B 314 13.82 -4.86 3.43
C ASP B 314 13.66 -3.43 2.90
N SER B 315 14.13 -2.48 3.72
CA SER B 315 13.96 -1.07 3.44
C SER B 315 15.22 -0.31 3.82
N TYR B 316 15.24 0.97 3.45
CA TYR B 316 16.39 1.83 3.72
C TYR B 316 15.86 3.23 4.01
N GLU B 317 15.90 3.63 5.27
CA GLU B 317 15.36 4.91 5.70
C GLU B 317 16.32 6.04 5.30
N MET B 318 15.90 6.86 4.36
CA MET B 318 16.71 8.00 3.90
C MET B 318 15.78 9.03 3.29
N GLU B 319 15.96 10.30 3.66
CA GLU B 319 15.12 11.36 3.15
C GLU B 319 15.48 11.69 1.70
N GLU B 320 14.49 12.20 0.96
CA GLU B 320 14.70 12.63 -0.42
C GLU B 320 14.50 14.13 -0.58
N ASP B 321 13.33 14.65 -0.21
CA ASP B 321 13.02 16.08 -0.32
C ASP B 321 12.48 16.55 1.02
N GLY B 322 13.38 16.94 1.92
CA GLY B 322 12.98 17.50 3.20
C GLY B 322 12.49 16.48 4.20
N VAL B 323 11.31 15.90 3.94
CA VAL B 323 10.72 14.95 4.87
C VAL B 323 11.41 13.59 4.76
N ARG B 324 11.35 12.83 5.85
CA ARG B 324 11.98 11.52 5.89
C ARG B 324 11.14 10.49 5.16
N LYS B 325 11.78 9.67 4.34
CA LYS B 325 11.13 8.61 3.59
C LYS B 325 11.94 7.33 3.72
N CYS B 326 11.39 6.24 3.19
CA CYS B 326 12.09 4.97 3.13
C CYS B 326 11.93 4.38 1.73
N LYS B 327 13.01 3.80 1.22
CA LYS B 327 13.03 3.14 -0.08
C LYS B 327 13.49 1.70 0.10
N LYS B 328 13.30 0.90 -0.95
CA LYS B 328 13.70 -0.50 -0.91
C LYS B 328 15.21 -0.61 -0.96
N CYS B 329 15.80 -1.27 0.05
CA CYS B 329 17.24 -1.37 0.14
C CYS B 329 17.78 -2.38 -0.87
N GLU B 330 18.97 -2.09 -1.38
CA GLU B 330 19.66 -2.95 -2.32
C GLU B 330 21.00 -3.40 -1.72
N GLY B 331 21.43 -4.59 -2.10
CA GLY B 331 22.68 -5.13 -1.63
C GLY B 331 22.48 -6.13 -0.50
N PRO B 332 23.26 -5.99 0.57
CA PRO B 332 23.16 -6.98 1.67
C PRO B 332 21.91 -6.80 2.53
N CYS B 333 21.52 -5.55 2.83
CA CYS B 333 20.45 -5.19 3.77
C CYS B 333 20.67 -5.87 5.12
N ARG B 334 21.77 -5.49 5.77
CA ARG B 334 22.38 -6.23 6.87
C ARG B 334 21.52 -6.39 8.11
N LYS B 335 21.22 -5.28 8.80
CA LYS B 335 20.61 -5.39 10.12
C LYS B 335 19.94 -4.07 10.48
N VAL B 336 18.73 -4.17 11.02
CA VAL B 336 18.04 -3.06 11.66
C VAL B 336 17.89 -3.38 13.14
N CYS B 337 18.02 -2.37 13.99
CA CYS B 337 18.00 -2.55 15.44
C CYS B 337 16.60 -2.25 15.96
N ASN B 338 15.95 -3.26 16.53
CA ASN B 338 14.58 -3.09 17.01
C ASN B 338 14.54 -2.30 18.31
N GLY B 339 15.46 -2.58 19.24
CA GLY B 339 15.51 -1.88 20.50
C GLY B 339 14.70 -2.55 21.59
N ILE B 340 14.14 -1.76 22.49
CA ILE B 340 13.37 -2.26 23.62
C ILE B 340 11.93 -1.74 23.49
N GLY B 341 10.96 -2.65 23.61
CA GLY B 341 9.57 -2.29 23.60
C GLY B 341 8.81 -2.71 22.36
N ILE B 342 9.49 -2.87 21.22
CA ILE B 342 8.86 -3.30 19.98
C ILE B 342 9.58 -4.54 19.46
N GLY B 343 8.86 -5.32 18.66
CA GLY B 343 9.44 -6.49 18.02
C GLY B 343 9.69 -7.65 18.97
N GLU B 344 10.97 -7.96 19.19
CA GLU B 344 11.34 -9.12 19.99
C GLU B 344 11.32 -8.81 21.48
N PHE B 345 11.66 -7.59 21.87
CA PHE B 345 11.84 -7.22 23.27
C PHE B 345 10.70 -6.33 23.78
N LYS B 346 9.47 -6.66 23.39
CA LYS B 346 8.30 -5.92 23.88
C LYS B 346 8.05 -6.18 25.35
N ASP B 347 8.27 -7.41 25.81
CA ASP B 347 7.96 -7.78 27.18
C ASP B 347 9.05 -7.34 28.15
N SER B 348 10.28 -7.13 27.68
CA SER B 348 11.37 -6.71 28.55
C SER B 348 11.19 -5.25 28.96
N LEU B 349 11.81 -4.89 30.08
CA LEU B 349 11.67 -3.55 30.64
C LEU B 349 12.97 -2.78 30.70
N SER B 350 14.13 -3.41 30.50
CA SER B 350 15.41 -2.72 30.56
C SER B 350 16.43 -3.49 29.75
N ILE B 351 17.39 -2.76 29.16
CA ILE B 351 18.52 -3.39 28.53
C ILE B 351 19.46 -3.92 29.61
N ASN B 352 20.04 -5.10 29.37
CA ASN B 352 20.86 -5.75 30.38
C ASN B 352 21.94 -6.56 29.68
N ALA B 353 22.58 -7.46 30.44
CA ALA B 353 23.68 -8.25 29.89
C ALA B 353 23.21 -9.34 28.95
N THR B 354 21.91 -9.67 28.97
CA THR B 354 21.40 -10.71 28.07
C THR B 354 21.31 -10.21 26.64
N ASN B 355 20.72 -9.03 26.43
CA ASN B 355 20.48 -8.50 25.09
C ASN B 355 21.55 -7.50 24.65
N ILE B 356 22.69 -7.44 25.33
CA ILE B 356 23.73 -6.51 24.96
C ILE B 356 24.53 -7.01 23.74
N LYS B 357 24.48 -8.32 23.46
CA LYS B 357 25.17 -8.89 22.32
C LYS B 357 24.46 -8.64 21.00
N HIS B 358 23.22 -8.17 21.04
CA HIS B 358 22.46 -7.88 19.82
C HIS B 358 22.61 -6.44 19.37
N PHE B 359 23.46 -5.65 20.03
CA PHE B 359 23.68 -4.25 19.68
C PHE B 359 25.16 -3.97 19.51
N LYS B 360 25.90 -4.93 18.96
CA LYS B 360 27.33 -4.74 18.76
C LYS B 360 27.62 -3.88 17.54
N ASN B 361 27.22 -4.37 16.36
CA ASN B 361 27.39 -3.62 15.12
C ASN B 361 26.08 -2.90 14.76
N CYS B 362 25.63 -2.04 15.67
CA CYS B 362 24.41 -1.29 15.51
C CYS B 362 24.74 0.18 15.28
N THR B 363 24.02 0.81 14.35
CA THR B 363 24.23 2.22 14.02
C THR B 363 23.03 3.11 14.31
N SER B 364 21.81 2.58 14.22
CA SER B 364 20.59 3.37 14.41
C SER B 364 19.65 2.61 15.33
N ILE B 365 19.38 3.19 16.50
CA ILE B 365 18.43 2.61 17.45
C ILE B 365 17.03 2.99 16.97
N SER B 366 16.35 2.04 16.32
CA SER B 366 14.98 2.25 15.87
C SER B 366 13.99 1.71 16.91
N GLY B 367 14.09 2.26 18.12
CA GLY B 367 13.25 1.85 19.21
C GLY B 367 13.47 2.68 20.46
N ASP B 368 13.43 2.03 21.62
CA ASP B 368 13.60 2.71 22.90
C ASP B 368 14.75 2.09 23.68
N LEU B 369 15.24 2.83 24.66
CA LEU B 369 16.29 2.36 25.56
C LEU B 369 15.89 2.63 27.00
N HIS B 370 16.29 1.73 27.89
CA HIS B 370 15.92 1.81 29.31
C HIS B 370 17.14 1.46 30.16
N ILE B 371 17.77 2.47 30.74
CA ILE B 371 18.85 2.27 31.70
C ILE B 371 18.24 2.44 33.09
N LEU B 372 18.05 1.32 33.78
CA LEU B 372 17.35 1.26 35.05
C LEU B 372 18.27 0.69 36.14
N PRO B 373 17.99 0.99 37.41
CA PRO B 373 18.79 0.39 38.49
C PRO B 373 18.61 -1.11 38.67
N VAL B 374 17.64 -1.74 38.01
CA VAL B 374 17.47 -3.19 38.12
C VAL B 374 18.55 -3.91 37.31
N ALA B 375 19.17 -3.25 36.34
CA ALA B 375 20.20 -3.90 35.52
C ALA B 375 21.56 -3.91 36.21
N PHE B 376 21.84 -2.94 37.07
CA PHE B 376 23.12 -2.82 37.75
C PHE B 376 23.14 -3.50 39.11
N ARG B 377 22.12 -4.31 39.42
CA ARG B 377 22.06 -5.00 40.70
C ARG B 377 21.83 -6.50 40.57
N GLY B 378 21.45 -7.00 39.41
CA GLY B 378 21.20 -8.42 39.24
C GLY B 378 19.78 -8.82 39.62
N ASP B 379 19.16 -9.67 38.82
CA ASP B 379 17.79 -10.13 39.06
C ASP B 379 17.82 -11.64 39.28
N SER B 380 17.51 -12.06 40.50
CA SER B 380 17.44 -13.48 40.82
C SER B 380 16.16 -14.13 40.31
N PHE B 381 15.14 -13.34 39.98
CA PHE B 381 13.90 -13.89 39.46
C PHE B 381 14.05 -14.34 38.01
N THR B 382 14.65 -13.51 37.17
CA THR B 382 14.83 -13.81 35.76
C THR B 382 16.20 -14.41 35.47
N HIS B 383 17.03 -14.61 36.49
CA HIS B 383 18.35 -15.26 36.41
C HIS B 383 19.29 -14.53 35.44
N THR B 384 19.56 -13.27 35.76
CA THR B 384 20.45 -12.45 34.95
C THR B 384 21.69 -12.06 35.74
N PRO B 385 22.87 -12.13 35.13
CA PRO B 385 24.10 -11.71 35.82
C PRO B 385 24.15 -10.21 36.00
N PRO B 386 24.94 -9.71 36.95
CA PRO B 386 25.11 -8.27 37.09
C PRO B 386 25.85 -7.66 35.92
N LEU B 387 25.45 -6.44 35.56
CA LEU B 387 25.98 -5.78 34.37
C LEU B 387 27.36 -5.20 34.64
N ASP B 388 28.30 -5.51 33.76
CA ASP B 388 29.63 -4.93 33.84
C ASP B 388 29.57 -3.48 33.35
N PRO B 389 30.05 -2.51 34.14
CA PRO B 389 30.06 -1.11 33.65
C PRO B 389 31.03 -0.86 32.51
N GLN B 390 31.99 -1.76 32.26
CA GLN B 390 32.88 -1.62 31.11
C GLN B 390 32.21 -2.04 29.80
N GLU B 391 31.05 -2.68 29.86
CA GLU B 391 30.33 -3.10 28.66
C GLU B 391 29.45 -1.99 28.08
N LEU B 392 29.50 -0.78 28.63
CA LEU B 392 28.73 0.34 28.09
C LEU B 392 29.39 0.96 26.86
N ASP B 393 30.62 0.55 26.52
CA ASP B 393 31.30 1.02 25.32
C ASP B 393 30.81 0.33 24.06
N ILE B 394 29.93 -0.66 24.17
CA ILE B 394 29.34 -1.30 23.00
C ILE B 394 28.40 -0.34 22.29
N LEU B 395 27.75 0.56 23.05
CA LEU B 395 26.82 1.54 22.51
C LEU B 395 27.51 2.80 21.97
N LYS B 396 28.81 2.73 21.69
CA LYS B 396 29.50 3.84 21.03
C LYS B 396 29.20 3.88 19.55
N THR B 397 28.90 2.72 18.95
CA THR B 397 28.77 2.62 17.50
C THR B 397 27.48 3.28 17.00
N VAL B 398 26.43 3.30 17.84
CA VAL B 398 25.13 3.85 17.41
C VAL B 398 25.23 5.37 17.27
N LYS B 399 24.32 5.92 16.46
CA LYS B 399 24.34 7.33 16.11
C LYS B 399 23.06 8.07 16.42
N GLU B 400 21.90 7.41 16.37
CA GLU B 400 20.63 8.09 16.58
C GLU B 400 19.68 7.18 17.33
N ILE B 401 18.73 7.80 18.03
CA ILE B 401 17.68 7.10 18.77
C ILE B 401 16.34 7.66 18.30
N THR B 402 15.48 6.79 17.77
CA THR B 402 14.19 7.24 17.26
C THR B 402 13.20 7.53 18.38
N GLY B 403 13.25 6.78 19.47
CA GLY B 403 12.33 6.95 20.58
C GLY B 403 12.92 7.83 21.67
N PHE B 404 12.69 7.43 22.92
CA PHE B 404 13.18 8.17 24.08
C PHE B 404 14.36 7.46 24.70
N LEU B 405 15.19 8.23 25.39
CA LEU B 405 16.37 7.71 26.08
C LEU B 405 16.16 7.89 27.59
N LEU B 406 15.83 6.80 28.27
CA LEU B 406 15.56 6.80 29.70
C LEU B 406 16.82 6.35 30.43
N ILE B 407 17.44 7.26 31.17
CA ILE B 407 18.65 6.98 31.93
C ILE B 407 18.33 7.26 33.40
N GLN B 408 18.32 6.22 34.23
CA GLN B 408 18.01 6.35 35.64
C GLN B 408 19.05 5.70 36.54
N ALA B 409 20.16 5.23 35.99
CA ALA B 409 21.18 4.56 36.80
C ALA B 409 22.55 4.78 36.16
N TRP B 410 23.57 4.88 37.01
CA TRP B 410 24.93 5.16 36.56
C TRP B 410 25.89 4.75 37.67
N PRO B 411 27.05 4.19 37.35
CA PRO B 411 28.02 3.82 38.39
C PRO B 411 28.60 5.05 39.09
N GLU B 412 29.01 4.85 40.34
CA GLU B 412 29.39 5.96 41.21
C GLU B 412 30.85 6.38 41.06
N ASN B 413 31.50 6.09 39.93
CA ASN B 413 32.89 6.48 39.72
C ASN B 413 33.11 7.36 38.49
N ARG B 414 32.38 7.14 37.41
CA ARG B 414 32.57 7.91 36.20
C ARG B 414 31.70 9.16 36.23
N THR B 415 32.25 10.28 35.77
CA THR B 415 31.63 11.58 35.95
C THR B 415 30.95 12.13 34.70
N ASP B 416 31.04 11.45 33.56
CA ASP B 416 30.46 11.95 32.32
C ASP B 416 29.77 10.82 31.55
N LEU B 417 28.77 11.19 30.76
CA LEU B 417 28.02 10.24 29.95
C LEU B 417 28.59 10.21 28.53
N HIS B 418 29.79 9.67 28.41
CA HIS B 418 30.46 9.60 27.11
C HIS B 418 30.08 8.36 26.32
N ALA B 419 29.17 7.53 26.83
CA ALA B 419 28.70 6.37 26.09
C ALA B 419 27.83 6.77 24.91
N PHE B 420 27.21 7.95 24.95
CA PHE B 420 26.43 8.49 23.85
C PHE B 420 27.15 9.71 23.24
N GLU B 421 28.47 9.59 23.10
CA GLU B 421 29.26 10.69 22.55
C GLU B 421 28.98 10.90 21.06
N ASN B 422 28.72 9.82 20.33
CA ASN B 422 28.38 9.89 18.92
C ASN B 422 26.88 9.91 18.66
N LEU B 423 26.08 10.23 19.68
CA LEU B 423 24.64 10.35 19.51
C LEU B 423 24.34 11.65 18.78
N GLU B 424 23.95 11.54 17.51
CA GLU B 424 23.78 12.73 16.68
C GLU B 424 22.42 13.39 16.90
N ILE B 425 21.34 12.67 16.63
CA ILE B 425 20.00 13.22 16.64
C ILE B 425 19.08 12.28 17.43
N ILE B 426 18.13 12.86 18.16
CA ILE B 426 17.10 12.11 18.86
C ILE B 426 15.77 12.50 18.25
N ARG B 427 15.10 11.53 17.63
CA ARG B 427 13.86 11.82 16.91
C ARG B 427 12.68 11.99 17.87
N GLY B 428 12.59 11.15 18.89
CA GLY B 428 11.49 11.24 19.83
C GLY B 428 10.17 10.74 19.27
N ARG B 429 10.20 9.63 18.52
CA ARG B 429 8.96 9.07 17.99
C ARG B 429 8.13 8.44 19.09
N THR B 430 8.77 7.84 20.08
CA THR B 430 8.12 7.32 21.27
C THR B 430 8.68 8.05 22.47
N LYS B 431 7.81 8.50 23.36
CA LYS B 431 8.20 9.28 24.53
C LYS B 431 7.77 8.57 25.81
N GLN B 432 8.57 8.74 26.85
CA GLN B 432 8.22 8.20 28.16
C GLN B 432 7.08 9.01 28.75
N HIS B 433 5.92 8.35 28.92
CA HIS B 433 4.65 8.94 29.37
C HIS B 433 4.20 10.09 28.45
N GLY B 434 4.58 10.02 27.18
CA GLY B 434 4.12 10.96 26.17
C GLY B 434 4.61 12.38 26.30
N GLN B 435 5.58 12.65 27.16
CA GLN B 435 6.05 14.02 27.31
C GLN B 435 7.56 14.17 27.20
N PHE B 436 8.33 13.23 27.75
CA PHE B 436 9.76 13.38 27.88
C PHE B 436 10.50 12.41 26.96
N SER B 437 11.62 12.87 26.40
CA SER B 437 12.45 12.05 25.54
C SER B 437 13.83 11.78 26.15
N LEU B 438 14.57 12.82 26.49
CA LEU B 438 15.89 12.68 27.10
C LEU B 438 15.72 12.88 28.60
N ALA B 439 15.62 11.77 29.33
CA ALA B 439 15.38 11.79 30.77
C ALA B 439 16.65 11.34 31.48
N VAL B 440 17.48 12.32 31.85
CA VAL B 440 18.66 12.04 32.65
C VAL B 440 18.40 12.45 34.09
N VAL B 441 17.91 11.51 34.89
CA VAL B 441 17.49 11.75 36.26
C VAL B 441 18.16 10.75 37.18
N SER B 442 18.43 11.20 38.41
CA SER B 442 19.00 10.39 39.51
C SER B 442 20.34 9.77 39.12
N LEU B 443 21.29 10.64 38.79
CA LEU B 443 22.61 10.22 38.32
C LEU B 443 23.68 10.72 39.28
N ASN B 444 24.93 10.38 38.96
CA ASN B 444 26.11 10.77 39.74
C ASN B 444 27.17 11.33 38.81
N ILE B 445 26.75 12.22 37.91
CA ILE B 445 27.63 12.81 36.92
C ILE B 445 27.79 14.30 37.22
N THR B 446 28.87 14.88 36.68
CA THR B 446 29.09 16.31 36.75
C THR B 446 28.95 17.01 35.40
N SER B 447 28.77 16.25 34.33
CA SER B 447 28.61 16.82 33.00
C SER B 447 27.79 15.85 32.15
N LEU B 448 26.97 16.40 31.26
CA LEU B 448 26.15 15.57 30.40
C LEU B 448 26.98 14.88 29.32
N GLY B 449 27.96 15.60 28.76
CA GLY B 449 28.88 15.01 27.81
C GLY B 449 28.31 14.69 26.45
N LEU B 450 27.12 15.20 26.12
CA LEU B 450 26.51 14.95 24.81
C LEU B 450 27.07 15.95 23.81
N ARG B 451 28.29 15.67 23.35
CA ARG B 451 29.03 16.59 22.51
C ARG B 451 28.54 16.64 21.08
N SER B 452 27.79 15.63 20.64
CA SER B 452 27.25 15.59 19.28
C SER B 452 25.73 15.71 19.26
N LEU B 453 25.11 16.07 20.37
CA LEU B 453 23.66 16.30 20.41
C LEU B 453 23.38 17.64 19.74
N LYS B 454 23.02 17.59 18.45
CA LYS B 454 22.79 18.81 17.68
C LYS B 454 21.33 19.10 17.42
N GLU B 455 20.45 18.09 17.48
CA GLU B 455 19.05 18.29 17.17
C GLU B 455 18.21 17.27 17.91
N ILE B 456 17.12 17.73 18.51
CA ILE B 456 16.10 16.87 19.11
C ILE B 456 14.79 17.19 18.42
N SER B 457 14.23 16.22 17.70
CA SER B 457 13.05 16.49 16.89
C SER B 457 11.77 16.55 17.72
N ASP B 458 11.67 15.77 18.78
CA ASP B 458 10.47 15.75 19.59
C ASP B 458 10.82 15.29 21.00
N GLY B 459 10.11 15.85 21.98
CA GLY B 459 10.24 15.42 23.35
C GLY B 459 10.80 16.52 24.24
N ASP B 460 10.63 16.33 25.54
CA ASP B 460 11.13 17.23 26.57
C ASP B 460 12.35 16.60 27.24
N VAL B 461 13.26 17.46 27.69
CA VAL B 461 14.47 17.05 28.37
C VAL B 461 14.34 17.46 29.83
N ILE B 462 14.30 16.47 30.72
CA ILE B 462 14.17 16.70 32.15
C ILE B 462 15.49 16.37 32.83
N ILE B 463 15.92 17.24 33.74
CA ILE B 463 17.09 17.02 34.58
C ILE B 463 16.63 17.31 36.01
N SER B 464 16.39 16.27 36.79
CA SER B 464 15.86 16.44 38.13
C SER B 464 16.33 15.28 39.01
N GLY B 465 16.39 15.55 40.32
CA GLY B 465 16.77 14.52 41.28
C GLY B 465 18.24 14.18 41.30
N ASN B 466 19.08 14.91 40.59
CA ASN B 466 20.51 14.62 40.56
C ASN B 466 21.21 15.25 41.75
N LYS B 467 22.49 14.91 41.92
CA LYS B 467 23.27 15.33 43.08
C LYS B 467 24.26 16.45 42.76
N ASN B 468 25.11 16.26 41.76
CA ASN B 468 26.18 17.19 41.46
C ASN B 468 26.24 17.49 39.96
N LEU B 469 25.10 17.79 39.36
CA LEU B 469 25.01 18.05 37.93
C LEU B 469 24.53 19.48 37.69
N CYS B 470 25.47 20.41 37.57
CA CYS B 470 25.21 21.74 37.05
C CYS B 470 25.47 21.72 35.54
N TYR B 471 25.65 22.91 34.94
CA TYR B 471 25.85 23.12 33.49
C TYR B 471 24.61 22.70 32.70
N ALA B 472 23.44 23.11 33.18
CA ALA B 472 22.18 22.74 32.54
C ALA B 472 21.33 23.93 32.11
N ASN B 473 21.44 25.08 32.77
CA ASN B 473 20.71 26.25 32.36
C ASN B 473 21.39 27.04 31.25
N THR B 474 22.65 26.72 30.94
CA THR B 474 23.40 27.39 29.88
C THR B 474 23.50 26.55 28.62
N ILE B 475 22.44 25.80 28.31
CA ILE B 475 22.44 24.95 27.11
C ILE B 475 21.65 25.68 26.03
N ASN B 476 20.66 26.48 26.45
CA ASN B 476 19.75 27.24 25.60
C ASN B 476 19.01 26.30 24.63
N TRP B 477 18.15 25.48 25.25
CA TRP B 477 17.40 24.44 24.56
C TRP B 477 16.40 24.95 23.54
N LYS B 478 16.07 26.26 23.55
CA LYS B 478 15.10 26.80 22.61
C LYS B 478 15.59 26.77 21.17
N LYS B 479 16.90 26.76 20.95
CA LYS B 479 17.47 26.61 19.61
C LYS B 479 17.83 25.17 19.29
N LEU B 480 17.46 24.22 20.15
CA LEU B 480 17.72 22.80 19.89
C LEU B 480 16.57 22.15 19.16
N PHE B 481 15.37 22.20 19.74
CA PHE B 481 14.19 21.62 19.12
C PHE B 481 13.46 22.68 18.28
N GLY B 482 12.85 22.22 17.20
CA GLY B 482 12.12 23.10 16.31
C GLY B 482 10.62 22.92 16.38
N THR B 483 10.19 21.81 16.99
CA THR B 483 8.77 21.52 17.13
C THR B 483 8.18 22.39 18.22
N SER B 484 7.14 23.14 17.89
CA SER B 484 6.51 24.04 18.83
C SER B 484 5.67 23.27 19.84
N GLY B 485 5.25 23.97 20.89
CA GLY B 485 4.46 23.36 21.94
C GLY B 485 5.24 22.52 22.92
N GLN B 486 6.54 22.76 23.07
CA GLN B 486 7.39 22.01 23.99
C GLN B 486 8.05 22.96 24.97
N LYS B 487 8.28 22.45 26.18
CA LYS B 487 8.84 23.23 27.28
C LYS B 487 10.14 22.55 27.75
N THR B 488 10.66 23.03 28.88
CA THR B 488 11.79 22.41 29.55
C THR B 488 11.55 22.41 31.05
N LYS B 489 12.29 21.55 31.76
CA LYS B 489 12.12 21.41 33.20
C LYS B 489 13.45 20.95 33.79
N ILE B 490 14.20 21.89 34.35
CA ILE B 490 15.45 21.62 35.04
C ILE B 490 15.38 22.34 36.39
N ILE B 491 15.34 21.58 37.48
CA ILE B 491 15.25 22.16 38.82
C ILE B 491 15.84 21.16 39.82
N SER B 492 16.48 21.71 40.86
CA SER B 492 16.96 21.00 42.05
C SER B 492 17.97 19.91 41.70
N ASN B 493 19.10 20.34 41.13
CA ASN B 493 20.18 19.42 40.78
C ASN B 493 21.45 19.70 41.59
N ARG B 494 22.01 20.89 41.46
CA ARG B 494 23.23 21.25 42.18
C ARG B 494 23.11 22.58 42.91
N GLY B 495 22.43 23.55 42.34
CA GLY B 495 22.38 24.89 42.89
C GLY B 495 23.24 25.86 42.10
N GLU B 496 22.82 27.12 42.07
CA GLU B 496 23.52 28.13 41.29
C GLU B 496 24.81 28.58 41.96
N ASN B 497 24.90 28.48 43.29
CA ASN B 497 26.08 28.92 44.02
C ASN B 497 27.07 27.80 44.29
N SER B 498 26.72 26.55 43.96
CA SER B 498 27.61 25.43 44.25
C SER B 498 28.68 25.25 43.18
N CYS B 499 28.38 25.62 41.93
CA CYS B 499 29.35 25.58 40.84
C CYS B 499 29.97 26.94 40.59
N LYS B 500 30.24 27.69 41.64
CA LYS B 500 30.87 29.00 41.55
C LYS B 500 32.40 28.93 41.54
N ALA B 501 32.98 27.83 42.04
CA ALA B 501 34.41 27.75 42.26
C ALA B 501 35.19 27.64 40.95
N THR B 502 36.52 27.62 41.09
CA THR B 502 37.39 27.63 39.91
C THR B 502 37.37 26.29 39.17
N GLY B 503 37.11 25.19 39.89
CA GLY B 503 36.97 23.90 39.24
C GLY B 503 35.68 23.73 38.48
N GLN B 504 34.70 24.61 38.68
CA GLN B 504 33.40 24.54 38.00
C GLN B 504 33.13 25.87 37.30
N VAL B 505 33.47 25.97 36.03
CA VAL B 505 33.18 27.13 35.20
C VAL B 505 32.73 26.61 33.84
N CYS B 506 31.88 27.39 33.15
CA CYS B 506 31.38 26.99 31.84
C CYS B 506 32.49 26.87 30.82
N HIS B 507 33.08 28.00 30.42
CA HIS B 507 34.28 28.16 29.59
C HIS B 507 34.53 29.65 29.46
N ALA B 508 35.74 30.03 29.06
CA ALA B 508 36.09 31.41 28.82
C ALA B 508 36.44 31.55 27.34
N LEU B 509 36.20 32.74 26.79
CA LEU B 509 36.50 33.04 25.37
C LEU B 509 35.80 32.15 24.32
N CYS B 510 34.55 31.77 24.59
CA CYS B 510 33.75 30.98 23.65
C CYS B 510 32.30 31.46 23.75
N SER B 511 31.42 31.10 22.81
CA SER B 511 30.08 31.64 22.90
C SER B 511 29.35 31.09 24.13
N PRO B 512 28.48 31.90 24.75
CA PRO B 512 27.70 31.40 25.89
C PRO B 512 26.46 30.62 25.50
N GLU B 513 26.38 30.19 24.23
CA GLU B 513 25.22 29.45 23.75
C GLU B 513 25.13 28.06 24.40
N GLY B 514 26.25 27.36 24.52
CA GLY B 514 26.22 26.06 25.14
C GLY B 514 27.58 25.51 25.54
N CYS B 515 27.69 25.03 26.77
CA CYS B 515 28.86 24.29 27.24
C CYS B 515 28.38 23.07 28.00
N TRP B 516 29.07 21.94 27.79
CA TRP B 516 28.63 20.67 28.35
C TRP B 516 29.40 20.26 29.60
N GLY B 517 30.68 20.60 29.69
CA GLY B 517 31.48 20.26 30.85
C GLY B 517 32.63 21.22 31.06
N PRO B 518 33.48 20.93 32.05
CA PRO B 518 34.64 21.81 32.29
C PRO B 518 35.75 21.64 31.29
N GLU B 519 35.75 20.57 30.51
CA GLU B 519 36.79 20.33 29.51
C GLU B 519 36.58 21.25 28.31
N PRO B 520 37.66 21.83 27.75
CA PRO B 520 37.52 22.82 26.67
C PRO B 520 36.97 22.30 25.35
N ARG B 521 36.66 21.01 25.21
CA ARG B 521 36.06 20.47 23.99
C ARG B 521 34.53 20.49 24.03
N ASP B 522 33.93 21.38 24.82
CA ASP B 522 32.50 21.33 25.06
C ASP B 522 31.73 22.58 24.67
N CYS B 523 32.39 23.61 24.12
CA CYS B 523 31.66 24.75 23.58
C CYS B 523 30.96 24.34 22.29
N VAL B 524 29.70 24.73 22.15
CA VAL B 524 28.94 24.37 20.95
C VAL B 524 29.43 25.16 19.74
N SER B 525 29.52 26.48 19.88
CA SER B 525 30.09 27.35 18.85
C SER B 525 31.23 28.15 19.47
N CYS B 526 32.38 28.17 18.79
CA CYS B 526 33.57 28.80 19.29
C CYS B 526 33.84 30.10 18.54
N ARG B 527 34.89 30.82 18.97
CA ARG B 527 35.10 32.18 18.50
C ARG B 527 35.77 32.18 17.12
N ASN B 528 36.95 31.58 16.99
CA ASN B 528 37.60 31.41 15.70
C ASN B 528 37.60 29.95 15.24
N VAL B 529 38.08 29.05 16.08
CA VAL B 529 38.63 27.77 15.66
C VAL B 529 37.75 26.64 16.15
N SER B 530 37.26 25.82 15.21
CA SER B 530 36.39 24.68 15.48
C SER B 530 36.84 23.48 14.67
N ARG B 531 38.14 23.12 14.81
CA ARG B 531 38.79 22.05 14.06
C ARG B 531 38.02 20.74 14.11
N GLY B 532 37.89 20.16 15.29
CA GLY B 532 37.15 18.92 15.45
C GLY B 532 36.13 19.03 16.56
N ARG B 533 36.23 18.15 17.54
CA ARG B 533 35.37 18.22 18.71
C ARG B 533 35.87 19.19 19.76
N GLU B 534 37.04 19.79 19.56
CA GLU B 534 37.65 20.69 20.54
C GLU B 534 37.86 22.07 19.92
N CYS B 535 38.25 23.01 20.76
CA CYS B 535 38.54 24.38 20.34
C CYS B 535 39.78 24.86 21.08
N VAL B 536 40.54 25.72 20.39
CA VAL B 536 41.76 26.31 20.96
C VAL B 536 41.65 27.83 20.82
N ASP B 537 42.72 28.53 21.20
CA ASP B 537 42.77 29.98 21.00
C ASP B 537 42.76 30.33 19.52
N LYS B 538 43.77 29.88 18.78
CA LYS B 538 43.80 30.01 17.34
C LYS B 538 44.68 28.90 16.75
N CYS B 539 44.30 28.45 15.56
CA CYS B 539 45.14 27.53 14.80
C CYS B 539 46.23 28.35 14.11
N ASN B 540 47.48 28.08 14.47
CA ASN B 540 48.58 29.01 14.20
C ASN B 540 48.98 28.97 12.73
N LEU B 541 48.82 30.11 12.06
CA LEU B 541 49.32 30.32 10.70
C LEU B 541 50.64 31.06 10.68
N LEU B 542 51.18 31.43 11.84
CA LEU B 542 52.41 32.21 11.93
C LEU B 542 53.49 31.53 12.76
N GLU B 543 53.11 30.90 13.88
CA GLU B 543 54.05 30.26 14.78
C GLU B 543 53.66 28.81 15.05
N GLY B 544 53.22 28.12 14.01
CA GLY B 544 52.81 26.73 14.15
C GLY B 544 53.15 25.88 12.95
N GLU B 545 53.54 24.62 13.19
CA GLU B 545 53.85 23.69 12.11
C GLU B 545 52.62 23.23 11.33
N PRO B 546 51.45 22.92 11.94
CA PRO B 546 50.27 22.75 11.08
C PRO B 546 49.70 24.09 10.64
N ARG B 547 49.51 24.24 9.34
CA ARG B 547 48.90 25.42 8.75
C ARG B 547 47.50 25.05 8.28
N GLU B 548 46.50 25.76 8.80
CA GLU B 548 45.10 25.43 8.57
C GLU B 548 44.35 26.66 8.09
N PHE B 549 43.82 26.60 6.87
CA PHE B 549 43.04 27.70 6.31
C PHE B 549 41.65 27.74 6.94
N VAL B 550 41.18 28.95 7.21
CA VAL B 550 39.88 29.14 7.85
C VAL B 550 38.77 28.89 6.83
N GLU B 551 37.86 27.98 7.16
CA GLU B 551 36.74 27.63 6.28
C GLU B 551 35.51 27.46 7.15
N ASN B 552 34.59 28.45 7.07
CA ASN B 552 33.33 28.49 7.82
C ASN B 552 33.57 28.41 9.33
N SER B 553 34.57 29.16 9.80
CA SER B 553 35.06 29.19 11.19
C SER B 553 35.47 27.79 11.68
N GLU B 554 35.94 26.95 10.76
CA GLU B 554 36.42 25.60 11.06
C GLU B 554 37.68 25.39 10.23
N CYS B 555 38.84 25.73 10.81
CA CYS B 555 40.10 25.57 10.08
C CYS B 555 40.54 24.11 10.13
N ILE B 556 40.74 23.53 8.95
CA ILE B 556 41.13 22.13 8.82
C ILE B 556 42.49 22.06 8.14
N GLN B 557 43.12 20.89 8.23
CA GLN B 557 44.47 20.72 7.72
C GLN B 557 44.48 20.69 6.20
N CYS B 558 45.36 21.50 5.61
CA CYS B 558 45.52 21.57 4.16
C CYS B 558 46.40 20.44 3.64
N HIS B 559 46.87 20.57 2.40
CA HIS B 559 47.71 19.55 1.77
C HIS B 559 49.03 19.39 2.52
N PRO B 560 49.36 18.18 2.99
CA PRO B 560 50.55 18.02 3.86
C PRO B 560 51.89 18.21 3.15
N GLU B 561 51.92 18.17 1.81
CA GLU B 561 53.15 18.37 1.06
C GLU B 561 53.30 19.82 0.59
N CYS B 562 52.82 20.77 1.39
CA CYS B 562 52.93 22.18 1.09
C CYS B 562 53.92 22.82 2.07
N LEU B 563 54.88 23.56 1.53
CA LEU B 563 55.91 24.17 2.38
C LEU B 563 55.33 25.37 3.12
N PRO B 564 55.49 25.45 4.44
CA PRO B 564 54.99 26.62 5.17
C PRO B 564 55.83 27.86 4.88
N GLN B 565 55.15 28.98 4.72
CA GLN B 565 55.80 30.24 4.40
C GLN B 565 56.20 30.97 5.68
N ALA B 566 56.80 32.14 5.53
CA ALA B 566 57.25 32.97 6.65
C ALA B 566 56.40 34.23 6.68
N MET B 567 55.54 34.33 7.71
CA MET B 567 54.62 35.45 7.94
C MET B 567 53.69 35.70 6.75
N ASN B 568 53.26 34.62 6.11
CA ASN B 568 52.38 34.69 4.95
C ASN B 568 51.34 33.59 5.04
N ILE B 569 50.27 33.74 4.26
CA ILE B 569 49.21 32.75 4.18
C ILE B 569 49.71 31.59 3.34
N THR B 570 49.89 30.42 3.96
CA THR B 570 50.46 29.28 3.25
C THR B 570 49.39 28.56 2.42
N CYS B 571 48.36 28.04 3.06
CA CYS B 571 47.32 27.28 2.40
C CYS B 571 46.06 28.13 2.28
N THR B 572 45.45 28.13 1.10
CA THR B 572 44.24 28.90 0.83
C THR B 572 42.98 28.05 0.93
N GLY B 573 42.92 26.94 0.20
CA GLY B 573 41.77 26.06 0.24
C GLY B 573 42.14 24.60 0.20
N ARG B 574 41.13 23.73 0.10
CA ARG B 574 41.37 22.29 0.08
C ARG B 574 41.83 21.88 -1.32
N GLY B 575 43.13 21.61 -1.44
CA GLY B 575 43.70 21.23 -2.71
C GLY B 575 45.17 21.57 -2.81
N PRO B 576 45.93 20.79 -3.58
CA PRO B 576 47.37 21.09 -3.76
C PRO B 576 47.64 22.32 -4.60
N ASP B 577 46.64 22.88 -5.29
CA ASP B 577 46.81 24.07 -6.12
C ASP B 577 46.57 25.36 -5.36
N ASN B 578 46.78 25.38 -4.06
CA ASN B 578 46.57 26.54 -3.21
C ASN B 578 47.82 26.83 -2.37
N CYS B 579 48.98 26.78 -3.02
CA CYS B 579 50.24 27.04 -2.36
C CYS B 579 51.12 27.89 -3.27
N ILE B 580 52.08 28.58 -2.66
CA ILE B 580 53.02 29.42 -3.39
C ILE B 580 54.23 28.58 -3.79
N GLN B 581 54.88 27.96 -2.80
CA GLN B 581 56.06 27.15 -3.03
C GLN B 581 55.79 25.72 -2.60
N CYS B 582 56.05 24.77 -3.50
CA CYS B 582 55.87 23.37 -3.19
C CYS B 582 57.01 22.85 -2.32
N ALA B 583 56.81 21.65 -1.75
CA ALA B 583 57.81 21.09 -0.85
C ALA B 583 58.92 20.39 -1.62
N HIS B 584 58.59 19.37 -2.41
CA HIS B 584 59.58 18.56 -3.11
C HIS B 584 59.55 18.79 -4.62
N TYR B 585 58.40 18.61 -5.25
CA TYR B 585 58.31 18.74 -6.70
C TYR B 585 57.07 19.54 -7.07
N ILE B 586 57.03 20.00 -8.32
CA ILE B 586 55.97 20.86 -8.83
C ILE B 586 55.33 20.16 -10.02
N ASP B 587 54.04 19.87 -9.91
CA ASP B 587 53.26 19.27 -10.99
C ASP B 587 52.18 20.28 -11.37
N GLY B 588 52.53 21.21 -12.26
CA GLY B 588 51.64 22.27 -12.65
C GLY B 588 51.35 23.22 -11.51
N PRO B 589 50.06 23.49 -11.26
CA PRO B 589 49.70 24.28 -10.07
C PRO B 589 49.73 23.48 -8.78
N HIS B 590 49.70 22.15 -8.87
CA HIS B 590 49.64 21.31 -7.68
C HIS B 590 51.04 21.06 -7.11
N CYS B 591 51.06 20.61 -5.86
CA CYS B 591 52.28 20.23 -5.17
C CYS B 591 52.21 18.75 -4.82
N VAL B 592 53.02 17.94 -5.51
CA VAL B 592 53.00 16.50 -5.33
C VAL B 592 54.27 16.06 -4.60
N LYS B 593 54.25 14.81 -4.13
CA LYS B 593 55.42 14.26 -3.45
C LYS B 593 56.53 13.92 -4.43
N THR B 594 56.19 13.29 -5.55
CA THR B 594 57.17 12.91 -6.56
C THR B 594 57.08 13.82 -7.77
N LYS C 8 1.15 -10.84 52.50
CA LYS C 8 2.59 -11.01 52.66
C LYS C 8 3.13 -11.98 51.62
N CYS C 9 4.36 -11.73 51.17
CA CYS C 9 4.99 -12.53 50.13
C CYS C 9 6.04 -13.46 50.73
N SER C 10 6.42 -14.45 49.93
CA SER C 10 7.40 -15.46 50.35
C SER C 10 8.81 -14.98 50.03
N SER C 11 9.79 -15.90 50.13
CA SER C 11 11.18 -15.57 49.86
C SER C 11 11.50 -15.51 48.37
N ASP C 12 10.55 -15.86 47.50
CA ASP C 12 10.79 -15.76 46.06
C ASP C 12 10.81 -14.31 45.60
N MET C 13 10.09 -13.43 46.29
CA MET C 13 9.94 -12.04 45.91
C MET C 13 10.90 -11.12 46.67
N ASN C 14 12.08 -11.61 47.01
CA ASN C 14 13.05 -10.79 47.73
C ASN C 14 13.71 -9.78 46.79
N GLY C 15 14.08 -10.20 45.59
CA GLY C 15 14.70 -9.31 44.63
C GLY C 15 13.83 -9.01 43.43
N TYR C 16 12.51 -9.10 43.62
CA TYR C 16 11.55 -8.85 42.55
C TYR C 16 11.14 -7.39 42.49
N CYS C 17 10.67 -6.84 43.61
CA CYS C 17 10.32 -5.43 43.67
C CYS C 17 11.59 -4.59 43.73
N LEU C 18 11.62 -3.51 42.95
CA LEU C 18 12.83 -2.70 42.83
C LEU C 18 12.94 -1.66 43.94
N HIS C 19 11.91 -0.82 44.11
CA HIS C 19 11.86 0.17 45.18
C HIS C 19 10.54 0.07 45.93
N GLY C 20 10.15 -1.16 46.29
CA GLY C 20 8.87 -1.34 46.94
C GLY C 20 8.82 -2.60 47.78
N GLN C 21 7.71 -2.74 48.50
CA GLN C 21 7.45 -3.88 49.37
C GLN C 21 6.39 -4.76 48.72
N CYS C 22 6.61 -6.07 48.78
CA CYS C 22 5.72 -7.04 48.15
C CYS C 22 4.51 -7.31 49.03
N ILE C 23 3.31 -7.20 48.46
CA ILE C 23 2.08 -7.66 49.09
C ILE C 23 1.39 -8.60 48.11
N TYR C 24 0.54 -9.47 48.67
CA TYR C 24 -0.06 -10.55 47.92
C TYR C 24 -1.58 -10.43 47.95
N LEU C 25 -2.22 -10.69 46.81
CA LEU C 25 -3.66 -10.64 46.67
C LEU C 25 -4.22 -12.06 46.59
N VAL C 26 -5.40 -12.25 47.18
CA VAL C 26 -5.98 -13.58 47.27
C VAL C 26 -6.68 -13.97 45.97
N ASP C 27 -7.55 -13.11 45.46
CA ASP C 27 -8.33 -13.44 44.27
C ASP C 27 -7.49 -13.37 43.00
N MET C 28 -6.55 -12.44 42.92
CA MET C 28 -5.71 -12.34 41.73
C MET C 28 -4.67 -13.44 41.68
N SER C 29 -4.05 -13.75 42.84
CA SER C 29 -3.07 -14.83 43.02
C SER C 29 -1.87 -14.66 42.10
N GLN C 30 -1.35 -13.43 42.00
CA GLN C 30 -0.21 -13.12 41.17
C GLN C 30 0.83 -12.36 41.99
N ASN C 31 2.05 -12.32 41.46
CA ASN C 31 3.11 -11.55 42.09
C ASN C 31 2.84 -10.06 41.88
N TYR C 32 3.15 -9.27 42.90
CA TYR C 32 2.65 -7.89 42.95
C TYR C 32 3.51 -7.04 43.86
N CYS C 33 3.81 -5.82 43.42
CA CYS C 33 4.62 -4.87 44.16
C CYS C 33 3.79 -3.66 44.57
N ARG C 34 4.40 -2.80 45.36
CA ARG C 34 3.79 -1.57 45.86
C ARG C 34 4.80 -0.45 45.70
N CYS C 35 4.56 0.45 44.76
CA CYS C 35 5.48 1.55 44.52
C CYS C 35 5.39 2.59 45.63
N GLU C 36 6.43 3.41 45.75
CA GLU C 36 6.52 4.45 46.75
C GLU C 36 6.22 5.81 46.11
N VAL C 37 6.42 6.87 46.89
CA VAL C 37 6.20 8.23 46.39
C VAL C 37 7.33 8.58 45.43
N GLY C 38 6.97 8.90 44.19
CA GLY C 38 7.94 9.19 43.16
C GLY C 38 8.35 8.00 42.32
N TYR C 39 7.79 6.82 42.58
CA TYR C 39 8.09 5.61 41.82
C TYR C 39 6.81 5.10 41.18
N THR C 40 6.96 4.54 39.97
CA THR C 40 5.84 3.99 39.24
C THR C 40 6.33 2.86 38.34
N GLY C 41 5.40 2.19 37.69
CA GLY C 41 5.70 1.08 36.80
C GLY C 41 5.05 -0.20 37.28
N VAL C 42 5.32 -1.27 36.51
CA VAL C 42 4.81 -2.59 36.87
C VAL C 42 5.56 -3.14 38.06
N ARG C 43 6.89 -3.19 37.96
CA ARG C 43 7.76 -3.64 39.05
C ARG C 43 8.46 -2.48 39.74
N CYS C 44 7.85 -1.29 39.69
CA CYS C 44 8.34 -0.04 40.30
C CYS C 44 9.73 0.33 39.77
N GLU C 45 9.80 0.56 38.46
CA GLU C 45 11.05 0.86 37.80
C GLU C 45 11.08 2.20 37.10
N HIS C 46 9.94 2.85 36.89
CA HIS C 46 9.87 4.14 36.22
C HIS C 46 9.70 5.26 37.23
N PHE C 47 10.10 6.46 36.84
CA PHE C 47 9.97 7.65 37.67
C PHE C 47 8.78 8.48 37.20
N PHE C 48 8.62 9.66 37.78
CA PHE C 48 7.56 10.56 37.39
C PHE C 48 7.97 11.41 36.18
#